data_5T4C
#
_entry.id   5T4C
#
_cell.length_a   65.480
_cell.length_b   96.500
_cell.length_c   156.870
_cell.angle_alpha   90.000
_cell.angle_beta   90.000
_cell.angle_gamma   90.000
#
_symmetry.space_group_name_H-M   'P 21 21 21'
#
loop_
_entity.id
_entity.type
_entity.pdbx_description
1 polymer 'Glycoside Hydrolase'
2 branched beta-D-glucopyranose-(1-3)-beta-D-glucopyranose-(1-3)-beta-D-glucopyranose-(1-3)-beta-D-glucopyranose-(1-3)-beta-D-glucopyranose-(1-3)-beta-D-glucopyranose
3 branched beta-D-glucopyranose-(1-3)-beta-D-glucopyranose-(1-3)-beta-D-glucopyranose-(1-3)-beta-D-glucopyranose-(1-3)-beta-D-glucopyranose
4 non-polymer 1,2-ETHANEDIOL
5 non-polymer 'PHOSPHATE ION'
6 water water
#
_entity_poly.entity_id   1
_entity_poly.type   'polypeptide(L)'
_entity_poly.pdbx_seq_one_letter_code
;MGSSHHHHHHSSGLVPRGSHMHAVSVGKGSYATEFPEIDFGGINDPGFRDQQGEPPATIYRSDRVTGPMQTNSWWGSLAV
DRFSMNQYPHPFSVRHRAEGLHVFYDAPHNMVVHENREAGTWHIHGAIGTDFTIKHSGTANFEQAVVDDYNDWYVRGLLE
NGAHQMAITYGVGSPYIFVEYEDGSAVLDFDIAPDVWEMNGHVIGFSTHDHKHYAAFAPPGQNWSGIGSKTLTNNADYIA
IAKLPEKDGNMLAKFEQYAYSVVRDAVADWTYDEATGTVTTTFEVTTEAKVQGAPDGTIFALYPHQYRHLASSSENQLLQ
NYQYEIIRGTMIGLEGKRFTTELTYPGVLPSLPDLGDYDRERLIGYLHDATSDYPTGSDTYELGKYIGKLATLAPIADQM
GEYELAEQFRGELKDILEDWLQATNASGQLKGKNLFYYNENWGTILGYHAAHSSATRINDHHFHYGYFVKAAAEIARADQ
EWAKSENWGGMIDLLIRDFMADRDDDLFPYLRMFDPYSGNSWADGLATFDAGNNQQSSSEAMHAWTNVILWAEATGNKAL
RDRAIYLYTTEMSAINEYFFDVHQEIFPEEYGPEIVTINWGGKMDHATWWNSGKVEKYAINWLPFHGGSLYLGHHPDYVD
RAYEELRRDIGSTDWNLWSNLVWMYRAFTNPDDALQQMEASIDDYGLFDPGNEKIIERGSTKAQTYHWIHNLAELGRVDP
TVTANHPIYAVFNKNGNRTYIVYNFSDSPITVQFSDGHSIQVEPHSFNIGNGDGPTNPDPSEP
;
_entity_poly.pdbx_strand_id   A
#
# COMPACT_ATOMS: atom_id res chain seq x y z
N MET A 21 -1.72 34.45 -8.31
CA MET A 21 -1.46 34.15 -9.76
C MET A 21 -0.63 32.87 -9.91
N HIS A 22 0.48 32.76 -9.18
CA HIS A 22 1.38 31.58 -9.26
C HIS A 22 1.46 30.70 -8.00
N ALA A 23 0.77 31.08 -6.92
CA ALA A 23 0.72 30.27 -5.69
C ALA A 23 -0.61 30.50 -4.95
N VAL A 24 -1.01 29.53 -4.14
CA VAL A 24 -2.23 29.62 -3.34
C VAL A 24 -1.86 29.57 -1.86
N SER A 25 -2.36 30.53 -1.08
CA SER A 25 -2.12 30.56 0.36
C SER A 25 -2.97 29.52 1.05
N VAL A 26 -2.36 28.83 2.01
CA VAL A 26 -3.05 27.87 2.86
C VAL A 26 -2.49 28.11 4.26
N GLY A 27 -3.28 28.77 5.10
CA GLY A 27 -2.81 29.22 6.39
C GLY A 27 -1.60 30.12 6.18
N LYS A 28 -0.54 29.88 6.95
CA LYS A 28 0.73 30.63 6.79
C LYS A 28 1.60 30.17 5.63
N GLY A 29 1.28 29.02 5.02
CA GLY A 29 2.04 28.49 3.93
C GLY A 29 1.38 28.70 2.59
N SER A 30 1.89 27.99 1.59
CA SER A 30 1.35 28.04 0.25
C SER A 30 1.88 26.92 -0.63
N TYR A 31 1.18 26.66 -1.73
CA TYR A 31 1.70 25.80 -2.76
C TYR A 31 1.69 26.52 -4.08
N ALA A 32 2.62 26.14 -4.96
CA ALA A 32 2.72 26.70 -6.28
C ALA A 32 1.64 26.13 -7.20
N THR A 33 1.13 26.99 -8.09
CA THR A 33 0.19 26.56 -9.15
C THR A 33 0.79 26.63 -10.56
N GLU A 34 2.04 27.10 -10.66
CA GLU A 34 2.80 27.06 -11.90
C GLU A 34 4.08 26.31 -11.61
N PHE A 35 4.55 25.55 -12.58
CA PHE A 35 5.74 24.76 -12.42
C PHE A 35 6.92 25.72 -12.19
N PRO A 36 7.67 25.52 -11.09
CA PRO A 36 8.72 26.48 -10.80
C PRO A 36 9.92 26.36 -11.73
N GLU A 37 10.71 27.43 -11.79
CA GLU A 37 12.02 27.38 -12.42
C GLU A 37 12.94 26.70 -11.41
N ILE A 38 13.33 25.47 -11.68
CA ILE A 38 14.02 24.65 -10.68
C ILE A 38 15.44 25.15 -10.50
N ASP A 39 15.87 25.22 -9.23
CA ASP A 39 17.25 25.47 -8.84
C ASP A 39 17.96 24.12 -8.77
N PHE A 40 18.81 23.83 -9.75
CA PHE A 40 19.52 22.55 -9.78
C PHE A 40 20.78 22.53 -8.92
N GLY A 41 21.13 23.67 -8.29
CA GLY A 41 22.28 23.72 -7.39
C GLY A 41 23.59 23.44 -8.09
N GLY A 42 23.67 23.78 -9.37
CA GLY A 42 24.85 23.45 -10.19
C GLY A 42 25.04 21.98 -10.55
N ILE A 43 24.15 21.09 -10.10
CA ILE A 43 24.27 19.64 -10.35
C ILE A 43 23.91 19.35 -11.80
N ASN A 44 24.86 18.75 -12.51
CA ASN A 44 24.70 18.45 -13.94
C ASN A 44 24.24 17.02 -14.22
N ASP A 45 24.31 16.14 -13.22
CA ASP A 45 23.88 14.74 -13.39
C ASP A 45 22.49 14.68 -14.05
N PRO A 46 22.38 14.04 -15.24
CA PRO A 46 21.11 14.07 -15.96
C PRO A 46 19.96 13.37 -15.22
N GLY A 47 20.27 12.27 -14.53
CA GLY A 47 19.26 11.54 -13.73
C GLY A 47 18.60 12.47 -12.71
N PHE A 48 19.43 13.15 -11.92
CA PHE A 48 18.95 14.14 -10.96
C PHE A 48 18.10 15.24 -11.60
N ARG A 49 18.56 15.78 -12.72
CA ARG A 49 17.85 16.89 -13.38
C ARG A 49 16.51 16.45 -13.95
N ASP A 50 16.51 15.25 -14.56
CA ASP A 50 15.29 14.63 -15.11
C ASP A 50 14.22 14.36 -14.05
N GLN A 51 14.64 14.12 -12.81
CA GLN A 51 13.70 13.96 -11.69
C GLN A 51 12.89 15.22 -11.37
N GLN A 52 13.42 16.40 -11.73
CA GLN A 52 12.75 17.67 -11.40
C GLN A 52 11.80 18.08 -12.52
N GLY A 53 10.81 17.23 -12.75
CA GLY A 53 9.89 17.39 -13.86
C GLY A 53 8.49 17.07 -13.45
N GLU A 54 7.64 16.80 -14.42
CA GLU A 54 6.22 16.57 -14.18
C GLU A 54 5.78 15.24 -14.75
N PRO A 55 4.63 14.74 -14.28
CA PRO A 55 4.07 13.52 -14.86
C PRO A 55 3.56 13.74 -16.29
N PRO A 56 3.26 12.65 -17.01
CA PRO A 56 2.96 12.77 -18.45
C PRO A 56 1.86 13.75 -18.79
N ALA A 57 2.05 14.50 -19.87
CA ALA A 57 1.04 15.43 -20.33
C ALA A 57 -0.24 14.72 -20.80
N THR A 58 -0.09 13.58 -21.46
CA THR A 58 -1.24 12.92 -22.06
C THR A 58 -1.82 11.91 -21.09
N ILE A 59 -3.13 12.03 -20.83
CA ILE A 59 -3.88 11.06 -20.04
C ILE A 59 -4.90 10.39 -20.94
N TYR A 60 -4.80 9.07 -21.05
CA TYR A 60 -5.70 8.29 -21.89
C TYR A 60 -6.97 8.01 -21.09
N ARG A 61 -7.84 9.02 -21.08
CA ARG A 61 -9.16 8.91 -20.48
C ARG A 61 -10.17 9.58 -21.39
N SER A 62 -11.40 9.09 -21.33
CA SER A 62 -12.46 9.68 -22.16
C SER A 62 -12.95 10.98 -21.52
N ASP A 63 -13.81 11.69 -22.25
CA ASP A 63 -14.41 12.91 -21.72
C ASP A 63 -15.50 12.67 -20.66
N ARG A 64 -15.81 11.40 -20.39
CA ARG A 64 -16.67 11.04 -19.28
C ARG A 64 -15.93 11.04 -17.94
N VAL A 65 -14.59 11.09 -17.98
CA VAL A 65 -13.77 11.01 -16.78
C VAL A 65 -13.12 12.39 -16.60
N THR A 66 -13.61 13.13 -15.62
CA THR A 66 -13.15 14.51 -15.37
C THR A 66 -12.75 14.68 -13.92
N GLY A 67 -12.07 15.79 -13.65
CA GLY A 67 -11.60 16.09 -12.30
C GLY A 67 -10.27 15.40 -12.04
N PRO A 68 -9.79 15.44 -10.79
CA PRO A 68 -8.52 14.82 -10.42
C PRO A 68 -8.49 13.36 -10.84
N MET A 69 -7.41 12.95 -11.49
CA MET A 69 -7.31 11.62 -12.06
C MET A 69 -6.73 10.64 -11.03
N GLN A 70 -7.30 9.44 -10.97
CA GLN A 70 -6.80 8.40 -10.09
C GLN A 70 -5.42 7.92 -10.58
N THR A 71 -4.54 7.65 -9.63
CA THR A 71 -3.19 7.17 -9.88
C THR A 71 -2.91 6.04 -8.90
N ASN A 72 -1.71 5.46 -8.99
CA ASN A 72 -1.25 4.47 -8.03
C ASN A 72 -2.22 3.29 -7.92
N SER A 73 -2.73 2.85 -9.06
CA SER A 73 -3.74 1.80 -9.11
C SER A 73 -3.20 0.56 -9.79
N TRP A 74 -3.91 -0.54 -9.62
CA TRP A 74 -3.54 -1.79 -10.30
C TRP A 74 -3.71 -1.64 -11.82
N TRP A 75 -4.59 -0.74 -12.25
CA TRP A 75 -4.97 -0.56 -13.66
C TRP A 75 -4.34 0.64 -14.38
N GLY A 76 -3.46 1.36 -13.70
CA GLY A 76 -3.00 2.66 -14.19
C GLY A 76 -2.37 2.70 -15.55
N SER A 77 -1.77 1.59 -16.03
CA SER A 77 -1.12 1.62 -17.33
C SER A 77 -2.09 1.92 -18.48
N LEU A 78 -3.37 1.61 -18.28
CA LEU A 78 -4.42 1.96 -19.24
C LEU A 78 -4.51 3.48 -19.46
N ALA A 79 -4.30 4.26 -18.40
CA ALA A 79 -4.38 5.72 -18.44
C ALA A 79 -3.11 6.37 -19.02
N VAL A 80 -1.98 5.68 -18.96
CA VAL A 80 -0.69 6.28 -19.29
C VAL A 80 -0.19 5.83 -20.65
N ASP A 81 -0.29 4.53 -20.94
CA ASP A 81 0.07 4.01 -22.24
C ASP A 81 -1.08 4.23 -23.22
N ARG A 82 -0.75 4.35 -24.49
N ARG A 82 -0.77 4.36 -24.50
CA ARG A 82 -1.77 4.47 -25.55
CA ARG A 82 -1.80 4.47 -25.54
C ARG A 82 -2.79 3.31 -25.46
C ARG A 82 -2.80 3.30 -25.47
N PHE A 83 -2.29 2.10 -25.22
CA PHE A 83 -3.13 0.91 -24.98
C PHE A 83 -3.06 0.57 -23.49
N SER A 84 -2.36 -0.51 -23.12
CA SER A 84 -2.00 -0.73 -21.73
C SER A 84 -0.80 -1.62 -21.69
N MET A 85 -0.21 -1.75 -20.50
CA MET A 85 0.72 -2.82 -20.23
C MET A 85 -0.09 -4.01 -19.68
N ASN A 86 0.61 -5.10 -19.38
CA ASN A 86 -0.03 -6.26 -18.80
C ASN A 86 -0.54 -5.91 -17.40
N GLN A 87 -1.76 -6.32 -17.12
CA GLN A 87 -2.49 -6.00 -15.88
C GLN A 87 -2.97 -7.27 -15.24
N TYR A 88 -3.20 -7.22 -13.92
CA TYR A 88 -3.61 -8.38 -13.15
C TYR A 88 -4.93 -8.19 -12.38
N PRO A 89 -6.07 -8.13 -13.10
CA PRO A 89 -7.38 -8.19 -12.45
C PRO A 89 -7.67 -9.64 -12.04
N HIS A 90 -7.06 -10.04 -10.92
CA HIS A 90 -7.10 -11.44 -10.50
C HIS A 90 -8.54 -11.93 -10.44
N PRO A 91 -8.83 -13.11 -11.01
CA PRO A 91 -7.84 -14.15 -11.37
C PRO A 91 -7.17 -14.04 -12.73
N PHE A 92 -7.55 -13.08 -13.56
CA PHE A 92 -6.97 -12.93 -14.91
C PHE A 92 -5.71 -12.07 -14.92
N SER A 93 -4.95 -12.22 -16.01
CA SER A 93 -4.13 -11.13 -16.52
C SER A 93 -4.70 -10.72 -17.87
N VAL A 94 -4.61 -9.43 -18.15
CA VAL A 94 -5.08 -8.89 -19.44
C VAL A 94 -4.15 -7.81 -19.95
N ARG A 95 -4.24 -7.53 -21.25
CA ARG A 95 -3.60 -6.34 -21.80
C ARG A 95 -4.34 -5.86 -23.05
N HIS A 96 -4.44 -4.55 -23.17
CA HIS A 96 -5.07 -3.91 -24.32
C HIS A 96 -4.06 -3.78 -25.46
N ARG A 97 -4.54 -4.04 -26.68
CA ARG A 97 -3.74 -3.89 -27.89
C ARG A 97 -4.65 -3.39 -29.01
N ALA A 98 -4.06 -2.96 -30.11
CA ALA A 98 -4.85 -2.52 -31.27
C ALA A 98 -5.84 -3.61 -31.75
N GLU A 99 -5.44 -4.86 -31.64
CA GLU A 99 -6.25 -5.98 -32.11
C GLU A 99 -7.37 -6.40 -31.15
N GLY A 100 -7.31 -5.95 -29.90
CA GLY A 100 -8.31 -6.32 -28.89
C GLY A 100 -7.70 -6.53 -27.53
N LEU A 101 -8.47 -7.14 -26.61
CA LEU A 101 -7.99 -7.41 -25.27
C LEU A 101 -7.47 -8.85 -25.16
N HIS A 102 -6.17 -8.98 -24.90
CA HIS A 102 -5.59 -10.30 -24.62
C HIS A 102 -5.95 -10.72 -23.19
N VAL A 103 -6.31 -11.99 -23.04
CA VAL A 103 -6.68 -12.56 -21.75
C VAL A 103 -5.78 -13.76 -21.49
N PHE A 104 -5.31 -13.88 -20.26
CA PHE A 104 -4.42 -14.98 -19.88
C PHE A 104 -4.69 -15.40 -18.44
N TYR A 105 -4.38 -16.66 -18.16
CA TYR A 105 -4.40 -17.18 -16.80
C TYR A 105 -3.14 -17.97 -16.57
N ASP A 106 -2.41 -17.61 -15.52
CA ASP A 106 -1.23 -18.36 -15.13
C ASP A 106 -1.62 -19.68 -14.47
N ALA A 107 -1.44 -20.78 -15.20
CA ALA A 107 -1.65 -22.12 -14.68
C ALA A 107 -0.39 -22.56 -13.93
N PRO A 108 -0.47 -23.66 -13.16
CA PRO A 108 0.76 -24.12 -12.48
C PRO A 108 1.96 -24.31 -13.43
N HIS A 109 1.74 -24.82 -14.64
CA HIS A 109 2.84 -24.97 -15.60
C HIS A 109 3.46 -23.64 -16.09
N ASN A 110 2.72 -22.54 -15.94
CA ASN A 110 3.24 -21.20 -16.24
C ASN A 110 4.06 -20.58 -15.10
N MET A 111 3.92 -21.09 -13.88
CA MET A 111 4.53 -20.49 -12.69
C MET A 111 5.94 -21.05 -12.45
N VAL A 112 6.86 -20.19 -12.05
CA VAL A 112 8.22 -20.59 -11.73
C VAL A 112 8.71 -19.91 -10.47
N VAL A 113 9.64 -20.56 -9.78
CA VAL A 113 10.37 -19.96 -8.68
C VAL A 113 11.84 -20.06 -9.09
N HIS A 114 12.50 -18.92 -9.26
CA HIS A 114 13.93 -18.89 -9.64
C HIS A 114 14.75 -18.16 -8.59
N GLU A 115 16.01 -18.59 -8.47
CA GLU A 115 16.96 -17.99 -7.55
C GLU A 115 18.18 -17.57 -8.37
N ASN A 116 18.68 -16.37 -8.10
CA ASN A 116 19.98 -15.91 -8.58
C ASN A 116 20.88 -15.79 -7.36
N ARG A 117 21.67 -16.83 -7.12
CA ARG A 117 22.52 -16.91 -5.92
C ARG A 117 23.50 -15.75 -5.83
N GLU A 118 24.15 -15.43 -6.95
CA GLU A 118 25.11 -14.33 -6.97
C GLU A 118 24.46 -12.99 -6.61
N ALA A 119 23.28 -12.72 -7.17
CA ALA A 119 22.55 -11.49 -6.85
C ALA A 119 21.87 -11.51 -5.47
N GLY A 120 21.68 -12.69 -4.91
CA GLY A 120 20.94 -12.88 -3.66
C GLY A 120 19.45 -12.64 -3.86
N THR A 121 18.96 -12.86 -5.07
CA THR A 121 17.56 -12.61 -5.40
C THR A 121 16.79 -13.89 -5.65
N TRP A 122 15.47 -13.79 -5.46
CA TRP A 122 14.53 -14.84 -5.80
C TRP A 122 13.34 -14.19 -6.49
N HIS A 123 12.66 -14.96 -7.33
CA HIS A 123 11.57 -14.46 -8.18
C HIS A 123 10.50 -15.53 -8.31
N ILE A 124 9.26 -15.19 -7.96
CA ILE A 124 8.10 -16.03 -8.17
C ILE A 124 7.30 -15.32 -9.24
N HIS A 125 7.16 -15.92 -10.40
CA HIS A 125 6.41 -15.29 -11.49
C HIS A 125 5.78 -16.27 -12.45
N GLY A 126 4.92 -15.74 -13.30
CA GLY A 126 4.27 -16.50 -14.35
C GLY A 126 4.75 -16.06 -15.73
N ALA A 127 3.84 -16.08 -16.70
CA ALA A 127 4.17 -15.82 -18.08
C ALA A 127 3.32 -14.66 -18.59
N ILE A 128 3.79 -14.06 -19.67
CA ILE A 128 3.02 -13.02 -20.38
C ILE A 128 2.54 -13.65 -21.67
N GLY A 129 1.52 -14.49 -21.59
CA GLY A 129 1.02 -15.18 -22.77
C GLY A 129 -0.37 -14.70 -23.15
N THR A 130 -0.99 -15.42 -24.09
CA THR A 130 -2.34 -15.14 -24.50
C THR A 130 -3.13 -16.44 -24.61
N ASP A 131 -4.16 -16.60 -23.80
CA ASP A 131 -5.08 -17.73 -23.93
C ASP A 131 -6.04 -17.51 -25.10
N PHE A 132 -6.54 -16.28 -25.20
CA PHE A 132 -7.34 -15.81 -26.33
C PHE A 132 -7.40 -14.29 -26.33
N THR A 133 -7.83 -13.73 -27.44
CA THR A 133 -8.04 -12.30 -27.58
C THR A 133 -9.51 -12.04 -27.80
N ILE A 134 -10.07 -11.11 -27.00
CA ILE A 134 -11.42 -10.61 -27.17
C ILE A 134 -11.35 -9.51 -28.23
N LYS A 135 -12.08 -9.73 -29.32
CA LYS A 135 -12.02 -8.86 -30.46
C LYS A 135 -13.41 -8.35 -30.84
N HIS A 136 -13.38 -7.30 -31.66
CA HIS A 136 -14.53 -6.61 -32.19
C HIS A 136 -14.62 -6.97 -33.67
N SER A 137 -15.79 -7.42 -34.14
CA SER A 137 -15.96 -7.91 -35.53
C SER A 137 -15.63 -6.87 -36.62
N GLY A 138 -15.77 -5.60 -36.29
CA GLY A 138 -15.53 -4.49 -37.22
C GLY A 138 -14.13 -3.95 -37.38
N THR A 139 -13.22 -4.28 -36.46
CA THR A 139 -11.85 -3.78 -36.53
C THR A 139 -10.91 -4.58 -35.65
N ALA A 140 -9.69 -4.78 -36.12
CA ALA A 140 -8.59 -5.22 -35.28
C ALA A 140 -7.46 -4.17 -35.33
N ASN A 141 -7.86 -2.91 -35.50
CA ASN A 141 -6.91 -1.80 -35.50
C ASN A 141 -7.47 -0.61 -34.71
N PHE A 142 -7.75 -0.86 -33.42
CA PHE A 142 -8.12 0.20 -32.51
C PHE A 142 -6.98 1.21 -32.41
N GLU A 143 -7.33 2.48 -32.23
CA GLU A 143 -6.38 3.58 -32.22
C GLU A 143 -5.78 3.80 -30.84
N GLN A 144 -6.58 3.53 -29.81
CA GLN A 144 -6.12 3.64 -28.43
C GLN A 144 -7.12 2.94 -27.50
N ALA A 145 -6.71 2.78 -26.25
CA ALA A 145 -7.58 2.31 -25.18
C ALA A 145 -7.55 3.35 -24.08
N VAL A 146 -8.72 3.82 -23.65
CA VAL A 146 -8.79 4.86 -22.61
C VAL A 146 -9.57 4.37 -21.40
N VAL A 147 -9.33 5.04 -20.27
CA VAL A 147 -10.15 4.86 -19.09
C VAL A 147 -11.47 5.62 -19.33
N ASP A 148 -12.59 4.89 -19.33
CA ASP A 148 -13.92 5.48 -19.54
C ASP A 148 -14.72 5.64 -18.26
N ASP A 149 -14.37 4.87 -17.22
CA ASP A 149 -14.95 5.01 -15.89
C ASP A 149 -14.12 4.16 -14.94
N TYR A 150 -14.26 4.41 -13.65
CA TYR A 150 -13.67 3.53 -12.65
C TYR A 150 -14.39 3.74 -11.34
N ASN A 151 -14.17 2.82 -10.42
CA ASN A 151 -14.74 2.93 -9.08
C ASN A 151 -13.67 2.48 -8.09
N ASP A 152 -14.03 1.97 -6.91
CA ASP A 152 -13.02 1.71 -5.89
C ASP A 152 -12.04 0.59 -6.28
N TRP A 153 -12.47 -0.34 -7.14
CA TRP A 153 -11.54 -1.35 -7.65
C TRP A 153 -11.75 -1.96 -9.05
N TYR A 154 -12.85 -1.63 -9.73
CA TYR A 154 -13.01 -1.99 -11.14
C TYR A 154 -12.66 -0.79 -12.02
N VAL A 155 -12.36 -1.11 -13.28
CA VAL A 155 -12.14 -0.09 -14.32
C VAL A 155 -12.97 -0.49 -15.53
N ARG A 156 -13.34 0.52 -16.32
CA ARG A 156 -13.96 0.33 -17.62
C ARG A 156 -12.98 0.90 -18.65
N GLY A 157 -12.40 0.02 -19.47
CA GLY A 157 -11.45 0.40 -20.53
C GLY A 157 -12.22 0.45 -21.84
N LEU A 158 -11.91 1.42 -22.68
CA LEU A 158 -12.64 1.62 -23.91
C LEU A 158 -11.65 1.63 -25.06
N LEU A 159 -11.69 0.59 -25.87
CA LEU A 159 -10.94 0.50 -27.13
C LEU A 159 -11.76 1.23 -28.21
N GLU A 160 -11.11 2.17 -28.90
CA GLU A 160 -11.79 3.15 -29.76
C GLU A 160 -11.18 3.17 -31.15
N ASN A 161 -12.05 3.17 -32.17
CA ASN A 161 -11.68 3.41 -33.59
C ASN A 161 -12.92 3.99 -34.30
N GLY A 162 -13.12 5.30 -34.13
CA GLY A 162 -14.27 5.97 -34.76
C GLY A 162 -15.59 5.41 -34.22
N ALA A 163 -16.46 4.95 -35.11
CA ALA A 163 -17.72 4.31 -34.73
C ALA A 163 -17.53 2.99 -33.96
N HIS A 164 -16.42 2.30 -34.22
CA HIS A 164 -16.15 1.02 -33.56
C HIS A 164 -15.63 1.24 -32.15
N GLN A 165 -16.31 0.68 -31.17
CA GLN A 165 -15.84 0.75 -29.79
C GLN A 165 -16.10 -0.58 -29.09
N MET A 166 -15.20 -0.93 -28.17
CA MET A 166 -15.35 -2.08 -27.32
C MET A 166 -15.01 -1.64 -25.89
N ALA A 167 -16.02 -1.65 -25.03
CA ALA A 167 -15.86 -1.30 -23.61
C ALA A 167 -15.70 -2.56 -22.79
N ILE A 168 -14.60 -2.63 -22.03
CA ILE A 168 -14.29 -3.82 -21.24
C ILE A 168 -14.31 -3.44 -19.78
N THR A 169 -15.12 -4.12 -18.98
CA THR A 169 -15.22 -3.82 -17.55
C THR A 169 -14.62 -5.00 -16.81
N TYR A 170 -13.68 -4.71 -15.92
CA TYR A 170 -12.94 -5.77 -15.24
C TYR A 170 -12.32 -5.21 -13.98
N GLY A 171 -11.87 -6.11 -13.12
CA GLY A 171 -11.37 -5.71 -11.82
C GLY A 171 -10.66 -6.81 -11.06
N VAL A 172 -9.78 -6.37 -10.14
CA VAL A 172 -9.25 -7.31 -9.15
C VAL A 172 -10.44 -7.91 -8.40
N GLY A 173 -10.38 -9.19 -8.12
CA GLY A 173 -11.47 -9.88 -7.45
C GLY A 173 -12.72 -10.08 -8.27
N SER A 174 -12.61 -9.95 -9.59
CA SER A 174 -13.71 -10.29 -10.49
C SER A 174 -13.33 -11.42 -11.43
N PRO A 175 -14.03 -12.57 -11.32
CA PRO A 175 -13.83 -13.64 -12.28
C PRO A 175 -14.56 -13.41 -13.61
N TYR A 176 -15.19 -12.22 -13.79
CA TYR A 176 -15.82 -11.82 -15.03
C TYR A 176 -15.04 -10.72 -15.73
N ILE A 177 -15.07 -10.78 -17.06
CA ILE A 177 -14.77 -9.63 -17.90
C ILE A 177 -16.05 -9.36 -18.71
N PHE A 178 -16.60 -8.15 -18.55
CA PHE A 178 -17.83 -7.77 -19.24
C PHE A 178 -17.46 -6.96 -20.48
N VAL A 179 -18.06 -7.28 -21.62
CA VAL A 179 -17.66 -6.69 -22.90
C VAL A 179 -18.88 -6.11 -23.61
N GLU A 180 -18.84 -4.82 -23.93
CA GLU A 180 -19.95 -4.13 -24.57
C GLU A 180 -19.46 -3.53 -25.89
N TYR A 181 -20.22 -3.78 -26.96
CA TYR A 181 -19.79 -3.44 -28.31
C TYR A 181 -20.64 -2.30 -28.88
N GLU A 182 -19.98 -1.35 -29.54
CA GLU A 182 -20.65 -0.38 -30.42
C GLU A 182 -20.22 -0.65 -31.86
N ASP A 183 -21.23 -0.77 -32.73
CA ASP A 183 -21.03 -0.95 -34.17
C ASP A 183 -20.24 -2.21 -34.52
N GLY A 184 -20.62 -3.29 -33.87
CA GLY A 184 -20.05 -4.59 -34.15
C GLY A 184 -20.47 -5.65 -33.16
N SER A 185 -19.83 -6.81 -33.27
CA SER A 185 -20.18 -7.97 -32.49
C SER A 185 -18.94 -8.70 -32.02
N ALA A 186 -19.12 -9.81 -31.31
CA ALA A 186 -18.06 -10.44 -30.54
C ALA A 186 -17.27 -11.48 -31.30
N VAL A 187 -15.96 -11.47 -31.05
CA VAL A 187 -15.06 -12.49 -31.56
C VAL A 187 -14.10 -12.89 -30.45
N LEU A 188 -13.87 -14.19 -30.32
CA LEU A 188 -12.83 -14.73 -29.44
C LEU A 188 -11.83 -15.48 -30.32
N ASP A 189 -10.59 -15.02 -30.36
CA ASP A 189 -9.57 -15.58 -31.26
C ASP A 189 -8.47 -16.30 -30.49
N PHE A 190 -8.13 -17.50 -30.97
CA PHE A 190 -7.18 -18.39 -30.32
C PHE A 190 -6.06 -18.76 -31.30
N ASP A 191 -4.85 -18.95 -30.78
CA ASP A 191 -3.75 -19.44 -31.63
C ASP A 191 -3.91 -20.93 -31.94
N ILE A 192 -4.44 -21.69 -30.98
CA ILE A 192 -4.77 -23.10 -31.14
C ILE A 192 -6.22 -23.31 -30.75
N ALA A 193 -6.96 -24.06 -31.57
CA ALA A 193 -8.40 -24.22 -31.40
C ALA A 193 -8.74 -24.76 -30.00
N PRO A 194 -9.64 -24.07 -29.27
CA PRO A 194 -9.99 -24.56 -27.94
C PRO A 194 -10.96 -25.75 -28.01
N ASP A 195 -11.05 -26.47 -26.90
CA ASP A 195 -12.04 -27.53 -26.71
C ASP A 195 -13.31 -26.90 -26.11
N VAL A 196 -14.38 -26.82 -26.90
CA VAL A 196 -15.67 -26.39 -26.40
C VAL A 196 -16.39 -27.63 -25.86
N TRP A 197 -16.40 -27.76 -24.55
CA TRP A 197 -16.91 -28.97 -23.89
C TRP A 197 -18.35 -28.81 -23.44
N GLU A 198 -18.88 -27.58 -23.43
CA GLU A 198 -20.31 -27.37 -23.21
C GLU A 198 -20.84 -26.31 -24.16
N MET A 199 -21.77 -26.70 -25.02
CA MET A 199 -22.34 -25.80 -26.00
C MET A 199 -23.83 -25.65 -25.69
N ASN A 200 -24.20 -24.54 -25.04
CA ASN A 200 -25.59 -24.26 -24.73
C ASN A 200 -26.18 -23.22 -25.70
N GLY A 201 -25.58 -23.04 -26.87
CA GLY A 201 -26.06 -22.04 -27.82
C GLY A 201 -25.43 -20.70 -27.53
N HIS A 202 -26.03 -19.98 -26.59
CA HIS A 202 -25.58 -18.61 -26.24
C HIS A 202 -24.54 -18.61 -25.12
N VAL A 203 -24.35 -19.75 -24.47
CA VAL A 203 -23.35 -19.93 -23.41
C VAL A 203 -22.47 -21.10 -23.79
N ILE A 204 -21.16 -20.91 -23.65
CA ILE A 204 -20.18 -21.96 -23.93
C ILE A 204 -19.22 -22.11 -22.78
N GLY A 205 -18.88 -23.37 -22.50
CA GLY A 205 -17.80 -23.73 -21.60
C GLY A 205 -16.68 -24.25 -22.44
N PHE A 206 -15.47 -23.71 -22.25
CA PHE A 206 -14.35 -24.11 -23.09
C PHE A 206 -13.04 -24.18 -22.35
N SER A 207 -12.09 -24.88 -22.98
CA SER A 207 -10.76 -25.02 -22.43
C SER A 207 -9.74 -24.69 -23.51
N THR A 208 -8.68 -24.01 -23.10
CA THR A 208 -7.53 -23.85 -23.97
C THR A 208 -6.90 -25.23 -24.23
N HIS A 209 -6.05 -25.30 -25.24
CA HIS A 209 -5.31 -26.53 -25.56
C HIS A 209 -4.52 -27.05 -24.34
N ASP A 210 -4.04 -26.12 -23.50
CA ASP A 210 -3.31 -26.48 -22.27
C ASP A 210 -4.21 -26.46 -21.01
N HIS A 211 -5.51 -26.69 -21.23
CA HIS A 211 -6.46 -27.13 -20.20
C HIS A 211 -6.86 -26.08 -19.18
N LYS A 212 -6.86 -24.81 -19.60
CA LYS A 212 -7.35 -23.72 -18.74
C LYS A 212 -8.83 -23.51 -19.04
N HIS A 213 -9.66 -23.50 -18.01
CA HIS A 213 -11.11 -23.51 -18.19
C HIS A 213 -11.75 -22.13 -18.07
N TYR A 214 -12.50 -21.78 -19.11
CA TYR A 214 -13.21 -20.53 -19.20
C TYR A 214 -14.64 -20.76 -19.66
N ALA A 215 -15.43 -19.69 -19.60
CA ALA A 215 -16.78 -19.68 -20.18
C ALA A 215 -17.06 -18.36 -20.83
N ALA A 216 -17.95 -18.38 -21.82
CA ALA A 216 -18.44 -17.15 -22.45
C ALA A 216 -19.95 -17.12 -22.53
N PHE A 217 -20.52 -15.94 -22.35
CA PHE A 217 -21.96 -15.77 -22.17
C PHE A 217 -22.47 -14.70 -23.07
N ALA A 218 -23.49 -15.00 -23.88
CA ALA A 218 -24.17 -13.99 -24.69
C ALA A 218 -25.67 -14.02 -24.36
N PRO A 219 -26.45 -13.00 -24.79
CA PRO A 219 -27.88 -13.02 -24.53
C PRO A 219 -28.57 -14.21 -25.22
N PRO A 220 -29.63 -14.75 -24.60
CA PRO A 220 -30.33 -15.90 -25.21
C PRO A 220 -30.71 -15.64 -26.66
N GLY A 221 -30.53 -16.65 -27.50
CA GLY A 221 -30.76 -16.55 -28.92
C GLY A 221 -29.59 -16.15 -29.77
N GLN A 222 -28.57 -15.53 -29.18
CA GLN A 222 -27.37 -15.14 -29.90
C GLN A 222 -26.37 -16.29 -29.71
N ASN A 223 -26.34 -17.19 -30.69
CA ASN A 223 -25.58 -18.42 -30.54
C ASN A 223 -24.15 -18.27 -31.02
N TRP A 224 -23.25 -18.99 -30.34
CA TRP A 224 -21.84 -19.01 -30.72
C TRP A 224 -21.63 -19.85 -31.97
N SER A 225 -20.77 -19.36 -32.86
CA SER A 225 -20.36 -20.09 -34.06
C SER A 225 -18.85 -20.28 -34.06
N GLY A 226 -18.39 -21.15 -34.96
CA GLY A 226 -16.98 -21.45 -35.13
C GLY A 226 -16.45 -22.51 -34.17
N ILE A 227 -17.35 -23.26 -33.53
CA ILE A 227 -16.95 -24.31 -32.59
C ILE A 227 -16.10 -25.33 -33.35
N GLY A 228 -14.94 -25.67 -32.78
CA GLY A 228 -13.96 -26.54 -33.38
C GLY A 228 -12.87 -25.82 -34.14
N SER A 229 -13.06 -24.53 -34.40
CA SER A 229 -12.07 -23.71 -35.07
C SER A 229 -11.31 -22.84 -34.06
N LYS A 230 -10.38 -22.06 -34.60
CA LYS A 230 -9.60 -21.09 -33.82
C LYS A 230 -10.33 -19.79 -33.46
N THR A 231 -11.51 -19.58 -34.04
CA THR A 231 -12.21 -18.32 -33.87
C THR A 231 -13.68 -18.58 -33.57
N LEU A 232 -14.09 -18.16 -32.38
CA LEU A 232 -15.46 -18.26 -31.92
C LEU A 232 -16.11 -16.91 -32.09
N THR A 233 -17.30 -16.88 -32.67
CA THR A 233 -17.98 -15.64 -32.98
C THR A 233 -19.40 -15.63 -32.43
N ASN A 234 -19.90 -14.43 -32.18
CA ASN A 234 -21.25 -14.24 -31.69
C ASN A 234 -21.76 -12.90 -32.17
N ASN A 235 -23.00 -12.88 -32.68
CA ASN A 235 -23.61 -11.64 -33.18
C ASN A 235 -24.02 -10.62 -32.10
N ALA A 236 -23.98 -10.99 -30.83
CA ALA A 236 -24.41 -10.09 -29.76
C ALA A 236 -23.55 -8.84 -29.64
N ASP A 237 -24.14 -7.78 -29.09
CA ASP A 237 -23.41 -6.56 -28.73
C ASP A 237 -22.97 -6.54 -27.26
N TYR A 238 -23.16 -7.67 -26.59
CA TYR A 238 -22.74 -7.89 -25.21
C TYR A 238 -22.30 -9.34 -25.02
N ILE A 239 -21.11 -9.53 -24.46
CA ILE A 239 -20.72 -10.84 -23.94
C ILE A 239 -20.02 -10.64 -22.60
N ALA A 240 -20.00 -11.70 -21.81
CA ALA A 240 -19.11 -11.81 -20.67
C ALA A 240 -18.20 -13.01 -20.82
N ILE A 241 -16.98 -12.87 -20.30
CA ILE A 241 -16.05 -13.98 -20.13
C ILE A 241 -15.95 -14.27 -18.65
N ALA A 242 -15.92 -15.55 -18.30
CA ALA A 242 -15.55 -15.94 -16.94
C ALA A 242 -14.41 -16.92 -16.92
N LYS A 243 -13.55 -16.78 -15.92
CA LYS A 243 -12.60 -17.83 -15.56
C LYS A 243 -13.34 -18.82 -14.67
N LEU A 244 -13.40 -20.09 -15.07
CA LEU A 244 -14.06 -21.11 -14.28
C LEU A 244 -13.08 -21.77 -13.31
N PRO A 245 -13.52 -22.04 -12.08
CA PRO A 245 -12.61 -22.72 -11.17
C PRO A 245 -12.26 -24.14 -11.59
N GLU A 246 -13.23 -24.83 -12.24
N GLU A 246 -13.21 -24.83 -12.25
CA GLU A 246 -13.12 -26.23 -12.64
CA GLU A 246 -13.02 -26.21 -12.69
C GLU A 246 -13.83 -26.40 -13.97
C GLU A 246 -13.83 -26.41 -13.96
N LYS A 247 -13.53 -27.49 -14.68
CA LYS A 247 -14.31 -27.92 -15.85
C LYS A 247 -15.56 -28.60 -15.28
N ASP A 248 -16.59 -27.81 -15.04
CA ASP A 248 -17.73 -28.24 -14.27
C ASP A 248 -18.97 -27.49 -14.74
N GLY A 249 -19.93 -28.23 -15.28
CA GLY A 249 -21.17 -27.65 -15.78
C GLY A 249 -22.07 -27.04 -14.73
N ASN A 250 -21.98 -27.50 -13.48
CA ASN A 250 -22.74 -26.88 -12.39
C ASN A 250 -22.18 -25.50 -12.08
N MET A 251 -20.85 -25.38 -12.11
CA MET A 251 -20.22 -24.08 -11.95
C MET A 251 -20.58 -23.13 -13.10
N LEU A 252 -20.56 -23.64 -14.33
CA LEU A 252 -20.98 -22.85 -15.49
C LEU A 252 -22.39 -22.30 -15.29
N ALA A 253 -23.31 -23.14 -14.82
CA ALA A 253 -24.70 -22.71 -14.56
C ALA A 253 -24.79 -21.59 -13.54
N LYS A 254 -23.97 -21.67 -12.49
CA LYS A 254 -23.91 -20.61 -11.47
C LYS A 254 -23.36 -19.32 -12.09
N PHE A 255 -22.29 -19.42 -12.89
CA PHE A 255 -21.72 -18.23 -13.54
C PHE A 255 -22.69 -17.56 -14.50
N GLU A 256 -23.58 -18.35 -15.07
CA GLU A 256 -24.60 -17.83 -15.93
C GLU A 256 -25.54 -16.87 -15.19
N GLN A 257 -25.78 -17.11 -13.91
CA GLN A 257 -26.72 -16.32 -13.13
C GLN A 257 -26.33 -14.85 -13.01
N TYR A 258 -25.01 -14.58 -13.00
CA TYR A 258 -24.47 -13.23 -12.81
C TYR A 258 -23.70 -12.70 -14.03
N ALA A 259 -23.69 -13.45 -15.13
CA ALA A 259 -22.94 -13.05 -16.32
C ALA A 259 -23.51 -11.85 -17.07
N TYR A 260 -24.75 -11.46 -16.74
CA TYR A 260 -25.46 -10.36 -17.38
C TYR A 260 -25.68 -9.18 -16.44
N SER A 261 -24.97 -9.18 -15.31
CA SER A 261 -25.05 -8.13 -14.31
C SER A 261 -23.72 -7.35 -14.31
N VAL A 262 -23.66 -6.33 -15.15
CA VAL A 262 -22.40 -5.63 -15.39
C VAL A 262 -22.16 -4.64 -14.26
N VAL A 263 -20.98 -4.73 -13.63
CA VAL A 263 -20.64 -3.85 -12.51
C VAL A 263 -20.44 -2.44 -13.01
N ARG A 264 -21.22 -1.52 -12.46
CA ARG A 264 -21.09 -0.09 -12.74
C ARG A 264 -20.51 0.65 -11.56
N ASP A 265 -20.94 0.31 -10.35
CA ASP A 265 -20.43 0.97 -9.14
C ASP A 265 -19.84 -0.11 -8.25
N ALA A 266 -18.85 0.27 -7.47
CA ALA A 266 -18.21 -0.63 -6.50
C ALA A 266 -17.58 0.25 -5.43
N VAL A 267 -18.00 0.04 -4.18
N VAL A 267 -18.03 0.08 -4.18
CA VAL A 267 -17.58 0.87 -3.05
CA VAL A 267 -17.50 0.87 -3.06
C VAL A 267 -17.12 -0.01 -1.88
C VAL A 267 -17.09 -0.01 -1.90
N ALA A 268 -16.02 0.41 -1.24
CA ALA A 268 -15.54 -0.21 -0.01
C ALA A 268 -15.85 0.82 1.08
N ASP A 269 -16.93 0.59 1.82
CA ASP A 269 -17.37 1.49 2.90
C ASP A 269 -16.91 0.88 4.20
N TRP A 270 -16.42 1.71 5.11
CA TRP A 270 -15.85 1.23 6.36
C TRP A 270 -16.41 1.96 7.59
N THR A 271 -16.32 1.30 8.73
CA THR A 271 -16.55 1.94 10.05
C THR A 271 -15.47 1.52 11.03
N TYR A 272 -15.12 2.41 11.94
CA TYR A 272 -14.23 2.11 13.04
C TYR A 272 -15.04 2.20 14.34
N ASP A 273 -15.15 1.08 15.04
CA ASP A 273 -15.81 1.03 16.36
C ASP A 273 -14.74 1.23 17.40
N GLU A 274 -14.67 2.46 17.91
CA GLU A 274 -13.61 2.85 18.83
C GLU A 274 -13.61 2.04 20.13
N ALA A 275 -14.79 1.68 20.63
CA ALA A 275 -14.90 0.88 21.84
C ALA A 275 -14.23 -0.51 21.75
N THR A 276 -14.37 -1.17 20.60
CA THR A 276 -13.87 -2.54 20.42
C THR A 276 -12.58 -2.67 19.59
N GLY A 277 -12.21 -1.61 18.89
CA GLY A 277 -11.11 -1.69 17.93
C GLY A 277 -11.48 -2.25 16.55
N THR A 278 -12.74 -2.65 16.35
CA THR A 278 -13.12 -3.33 15.11
C THR A 278 -13.25 -2.34 13.94
N VAL A 279 -12.55 -2.65 12.85
CA VAL A 279 -12.68 -1.95 11.60
C VAL A 279 -13.48 -2.89 10.70
N THR A 280 -14.67 -2.44 10.28
CA THR A 280 -15.58 -3.22 9.45
C THR A 280 -15.61 -2.60 8.07
N THR A 281 -15.45 -3.42 7.03
CA THR A 281 -15.47 -2.91 5.67
C THR A 281 -16.48 -3.71 4.89
N THR A 282 -17.36 -3.01 4.19
CA THR A 282 -18.35 -3.66 3.34
C THR A 282 -18.07 -3.28 1.89
N PHE A 283 -17.88 -4.31 1.07
CA PHE A 283 -17.61 -4.20 -0.36
C PHE A 283 -18.93 -4.42 -1.09
N GLU A 284 -19.42 -3.41 -1.79
CA GLU A 284 -20.74 -3.47 -2.41
C GLU A 284 -20.67 -3.03 -3.85
N VAL A 285 -21.24 -3.84 -4.74
CA VAL A 285 -21.37 -3.47 -6.15
C VAL A 285 -22.80 -3.04 -6.48
N THR A 286 -22.93 -2.27 -7.55
CA THR A 286 -24.22 -2.02 -8.18
C THR A 286 -24.05 -2.32 -9.65
N THR A 287 -24.95 -3.14 -10.17
CA THR A 287 -24.84 -3.66 -11.51
C THR A 287 -25.98 -3.15 -12.39
N GLU A 288 -25.77 -3.26 -13.69
CA GLU A 288 -26.81 -2.98 -14.69
C GLU A 288 -27.14 -4.27 -15.45
N ALA A 289 -28.44 -4.54 -15.60
CA ALA A 289 -28.93 -5.77 -16.20
C ALA A 289 -28.77 -5.75 -17.72
N LYS A 290 -28.13 -6.77 -18.28
CA LYS A 290 -28.04 -6.94 -19.73
C LYS A 290 -29.07 -7.88 -20.33
N VAL A 291 -29.81 -8.59 -19.48
CA VAL A 291 -30.98 -9.35 -19.89
C VAL A 291 -32.04 -9.15 -18.83
N GLN A 292 -33.30 -9.32 -19.23
CA GLN A 292 -34.43 -9.25 -18.31
C GLN A 292 -34.22 -10.11 -17.06
N GLY A 293 -34.35 -9.48 -15.89
CA GLY A 293 -34.34 -10.17 -14.62
C GLY A 293 -32.97 -10.49 -14.06
N ALA A 294 -31.92 -9.93 -14.67
CA ALA A 294 -30.57 -10.19 -14.16
C ALA A 294 -30.46 -9.62 -12.74
N PRO A 295 -29.89 -10.39 -11.80
CA PRO A 295 -29.84 -9.92 -10.41
C PRO A 295 -28.87 -8.76 -10.21
N ASP A 296 -29.11 -7.96 -9.17
CA ASP A 296 -28.17 -6.91 -8.78
C ASP A 296 -27.11 -7.52 -7.84
N GLY A 297 -26.04 -8.00 -8.45
CA GLY A 297 -24.97 -8.63 -7.73
C GLY A 297 -23.98 -9.25 -8.70
N THR A 298 -22.97 -9.90 -8.15
CA THR A 298 -21.94 -10.54 -8.96
C THR A 298 -21.40 -11.78 -8.23
N ILE A 299 -20.36 -12.38 -8.79
CA ILE A 299 -19.57 -13.36 -8.08
C ILE A 299 -18.25 -12.66 -7.83
N PHE A 300 -17.91 -12.46 -6.56
CA PHE A 300 -16.65 -11.89 -6.15
C PHE A 300 -15.63 -13.02 -6.01
N ALA A 301 -14.36 -12.72 -6.28
CA ALA A 301 -13.24 -13.59 -5.93
C ALA A 301 -12.50 -12.89 -4.80
N LEU A 302 -12.53 -13.47 -3.61
CA LEU A 302 -11.89 -12.88 -2.43
C LEU A 302 -10.43 -13.32 -2.30
N TYR A 303 -9.58 -12.39 -1.89
CA TYR A 303 -8.20 -12.68 -1.55
C TYR A 303 -8.10 -13.20 -0.12
N PRO A 304 -6.99 -13.88 0.23
CA PRO A 304 -6.78 -14.36 1.60
C PRO A 304 -6.98 -13.32 2.71
N HIS A 305 -6.47 -12.10 2.53
CA HIS A 305 -6.64 -11.07 3.57
C HIS A 305 -8.12 -10.69 3.81
N GLN A 306 -8.99 -10.96 2.83
CA GLN A 306 -10.42 -10.78 2.97
C GLN A 306 -11.13 -11.98 3.60
N TYR A 307 -11.00 -13.15 2.99
CA TYR A 307 -11.81 -14.26 3.43
C TYR A 307 -11.39 -14.80 4.80
N ARG A 308 -10.12 -14.62 5.15
CA ARG A 308 -9.67 -14.99 6.50
C ARG A 308 -10.36 -14.14 7.59
N HIS A 309 -10.96 -13.01 7.20
CA HIS A 309 -11.64 -12.08 8.10
C HIS A 309 -13.09 -11.82 7.74
N LEU A 310 -13.70 -12.78 7.07
CA LEU A 310 -15.06 -12.61 6.57
C LEU A 310 -16.02 -12.51 7.77
N ALA A 311 -16.94 -11.55 7.70
CA ALA A 311 -17.98 -11.41 8.74
C ALA A 311 -18.90 -12.62 8.72
N SER A 312 -19.39 -12.99 9.91
CA SER A 312 -20.39 -14.06 10.03
C SER A 312 -21.54 -13.97 9.04
N SER A 313 -22.09 -12.77 8.90
CA SER A 313 -23.23 -12.50 8.06
C SER A 313 -22.98 -12.69 6.56
N SER A 314 -21.71 -12.74 6.14
CA SER A 314 -21.36 -13.00 4.74
C SER A 314 -21.05 -14.48 4.45
N GLU A 315 -20.88 -15.31 5.48
CA GLU A 315 -20.44 -16.71 5.32
C GLU A 315 -21.38 -17.52 4.41
N ASN A 316 -22.69 -17.27 4.52
CA ASN A 316 -23.71 -18.00 3.73
C ASN A 316 -23.60 -17.78 2.21
N GLN A 317 -22.91 -16.71 1.80
CA GLN A 317 -22.71 -16.38 0.39
C GLN A 317 -21.48 -17.03 -0.26
N LEU A 318 -20.62 -17.64 0.55
N LEU A 318 -20.60 -17.63 0.54
CA LEU A 318 -19.43 -18.33 0.04
CA LEU A 318 -19.43 -18.32 -0.01
C LEU A 318 -19.79 -19.48 -0.92
C LEU A 318 -19.83 -19.45 -0.97
N LEU A 319 -19.07 -19.56 -2.05
CA LEU A 319 -19.21 -20.65 -3.01
C LEU A 319 -18.01 -21.56 -2.72
N GLN A 320 -18.19 -22.51 -1.81
CA GLN A 320 -17.03 -23.13 -1.13
C GLN A 320 -15.95 -23.70 -2.05
N ASN A 321 -16.34 -24.45 -3.08
CA ASN A 321 -15.36 -25.12 -3.94
C ASN A 321 -14.88 -24.24 -5.11
N TYR A 322 -15.22 -22.96 -5.09
CA TYR A 322 -14.86 -22.04 -6.17
C TYR A 322 -13.51 -21.41 -5.84
N GLN A 323 -12.43 -22.13 -6.10
CA GLN A 323 -11.06 -21.66 -5.82
C GLN A 323 -10.31 -21.29 -7.10
N TYR A 324 -9.53 -20.22 -7.04
CA TYR A 324 -8.59 -19.85 -8.11
C TYR A 324 -7.18 -19.70 -7.53
N GLU A 325 -6.19 -20.28 -8.19
CA GLU A 325 -4.81 -20.10 -7.76
C GLU A 325 -4.21 -18.90 -8.46
N ILE A 326 -3.58 -18.03 -7.69
CA ILE A 326 -2.93 -16.82 -8.22
C ILE A 326 -1.63 -16.59 -7.46
N ILE A 327 -0.90 -15.56 -7.85
CA ILE A 327 0.35 -15.18 -7.17
C ILE A 327 0.19 -15.01 -5.65
N ARG A 328 -0.95 -14.44 -5.23
CA ARG A 328 -1.28 -14.21 -3.84
C ARG A 328 -1.97 -15.38 -3.14
N GLY A 329 -1.88 -16.58 -3.72
CA GLY A 329 -2.38 -17.79 -3.05
C GLY A 329 -3.66 -18.23 -3.70
N THR A 330 -4.67 -18.54 -2.88
CA THR A 330 -5.94 -19.07 -3.35
C THR A 330 -7.00 -18.00 -3.19
N MET A 331 -7.72 -17.68 -4.27
CA MET A 331 -8.91 -16.83 -4.20
C MET A 331 -10.14 -17.71 -4.07
N ILE A 332 -11.19 -17.23 -3.42
N ILE A 332 -11.19 -17.19 -3.44
CA ILE A 332 -12.44 -17.99 -3.34
CA ILE A 332 -12.42 -17.94 -3.19
C ILE A 332 -13.71 -17.17 -3.55
C ILE A 332 -13.72 -17.18 -3.49
N GLY A 333 -14.80 -17.90 -3.82
CA GLY A 333 -16.26 -17.60 -3.14
C GLY A 333 -16.67 -16.76 -4.21
N LEU A 334 -17.58 -15.79 -4.08
CA LEU A 334 -18.60 -15.52 -3.05
C LEU A 334 -19.68 -14.78 -3.86
N GLU A 335 -20.95 -15.11 -3.68
CA GLU A 335 -22.00 -14.50 -4.53
C GLU A 335 -22.81 -13.45 -3.84
N GLY A 336 -23.25 -12.45 -4.59
CA GLY A 336 -24.25 -11.52 -4.10
C GLY A 336 -23.88 -10.07 -4.38
N LYS A 337 -24.53 -9.18 -3.65
CA LYS A 337 -24.37 -7.76 -3.86
C LYS A 337 -23.23 -7.16 -3.05
N ARG A 338 -22.91 -7.80 -1.93
CA ARG A 338 -21.93 -7.26 -1.01
C ARG A 338 -21.36 -8.33 -0.13
N PHE A 339 -20.19 -8.04 0.44
CA PHE A 339 -19.65 -8.84 1.55
C PHE A 339 -18.90 -7.93 2.50
N THR A 340 -18.65 -8.44 3.70
CA THR A 340 -18.07 -7.66 4.78
C THR A 340 -16.87 -8.36 5.42
N THR A 341 -15.82 -7.61 5.71
CA THR A 341 -14.68 -8.10 6.49
C THR A 341 -14.61 -7.35 7.83
N GLU A 342 -14.00 -7.99 8.81
CA GLU A 342 -13.83 -7.44 10.15
C GLU A 342 -12.39 -7.62 10.58
N LEU A 343 -11.75 -6.52 10.94
CA LEU A 343 -10.36 -6.50 11.37
C LEU A 343 -10.27 -5.83 12.73
N THR A 344 -9.14 -6.01 13.40
CA THR A 344 -8.89 -5.35 14.69
C THR A 344 -7.72 -4.37 14.61
N TYR A 345 -8.02 -3.10 14.83
CA TYR A 345 -7.01 -2.04 14.97
C TYR A 345 -6.30 -2.18 16.32
N PRO A 346 -4.96 -2.29 16.34
CA PRO A 346 -4.23 -2.62 17.59
C PRO A 346 -3.69 -1.43 18.38
N GLY A 347 -4.01 -0.19 17.95
CA GLY A 347 -3.42 1.02 18.53
C GLY A 347 -2.09 1.38 17.91
N VAL A 348 -1.68 2.63 18.11
CA VAL A 348 -0.31 3.07 17.84
C VAL A 348 0.11 3.99 19.00
N LEU A 349 1.40 4.25 19.09
CA LEU A 349 1.95 5.22 20.04
C LEU A 349 2.73 6.31 19.33
N PRO A 350 2.87 7.50 19.97
CA PRO A 350 3.74 8.53 19.41
C PRO A 350 5.23 8.20 19.49
N SER A 351 5.59 7.35 20.44
N SER A 351 5.59 7.30 20.40
CA SER A 351 6.94 6.84 20.65
CA SER A 351 6.97 6.91 20.67
C SER A 351 6.82 5.72 21.66
C SER A 351 6.84 5.77 21.68
N LEU A 352 7.89 4.96 21.85
CA LEU A 352 7.97 4.11 23.04
C LEU A 352 8.14 5.04 24.26
N PRO A 353 7.57 4.65 25.42
CA PRO A 353 7.76 5.43 26.64
C PRO A 353 9.13 5.16 27.28
N ASP A 354 9.38 5.78 28.42
CA ASP A 354 10.64 5.59 29.16
C ASP A 354 10.50 4.42 30.14
N LEU A 355 10.65 3.19 29.64
CA LEU A 355 10.53 1.99 30.49
C LEU A 355 11.72 1.05 30.39
N GLY A 356 12.79 1.45 29.72
CA GLY A 356 13.93 0.55 29.53
C GLY A 356 14.90 0.63 30.70
N ASP A 357 15.74 -0.40 30.87
N ASP A 357 15.75 -0.40 30.79
CA ASP A 357 16.82 -0.37 31.86
CA ASP A 357 16.82 -0.49 31.77
C ASP A 357 18.15 -0.01 31.20
C ASP A 357 18.16 -0.04 31.17
N TYR A 358 18.13 1.03 30.39
CA TYR A 358 19.34 1.60 29.76
C TYR A 358 20.13 2.39 30.80
N ASP A 359 21.43 2.52 30.57
CA ASP A 359 22.29 3.50 31.23
C ASP A 359 21.86 4.87 30.68
N ARG A 360 21.21 5.67 31.51
CA ARG A 360 20.60 6.93 31.05
C ARG A 360 21.63 7.95 30.54
N GLU A 361 22.80 7.99 31.18
CA GLU A 361 23.88 8.87 30.72
C GLU A 361 24.45 8.44 29.36
N ARG A 362 24.49 7.14 29.12
CA ARG A 362 24.89 6.61 27.83
C ARG A 362 23.89 7.01 26.73
N LEU A 363 22.60 6.92 27.05
CA LEU A 363 21.56 7.36 26.11
C LEU A 363 21.61 8.88 25.85
N ILE A 364 21.83 9.66 26.91
CA ILE A 364 22.02 11.11 26.76
C ILE A 364 23.20 11.42 25.84
N GLY A 365 24.32 10.69 25.98
CA GLY A 365 25.46 10.83 25.09
C GLY A 365 25.07 10.58 23.64
N TYR A 366 24.32 9.51 23.40
CA TYR A 366 23.86 9.20 22.04
C TYR A 366 22.94 10.27 21.48
N LEU A 367 22.09 10.84 22.32
CA LEU A 367 21.21 11.93 21.88
C LEU A 367 21.98 13.16 21.40
N HIS A 368 23.04 13.51 22.13
CA HIS A 368 23.89 14.62 21.71
C HIS A 368 24.72 14.29 20.49
N ASP A 369 25.17 13.04 20.36
CA ASP A 369 25.90 12.58 19.16
C ASP A 369 25.06 12.83 17.91
N ALA A 370 23.73 12.67 18.05
CA ALA A 370 22.79 12.82 16.93
C ALA A 370 22.70 14.25 16.34
N THR A 371 23.16 15.27 17.07
CA THR A 371 23.23 16.61 16.51
C THR A 371 24.23 16.72 15.34
N SER A 372 25.15 15.76 15.22
CA SER A 372 26.04 15.69 14.07
C SER A 372 25.38 15.22 12.79
N ASP A 373 24.21 14.58 12.89
CA ASP A 373 23.53 14.03 11.71
C ASP A 373 23.02 15.13 10.78
N TYR A 374 22.96 14.84 9.48
CA TYR A 374 22.41 15.78 8.49
C TYR A 374 21.76 15.00 7.36
N PRO A 375 20.86 15.64 6.58
CA PRO A 375 20.24 14.93 5.44
C PRO A 375 21.25 14.63 4.35
N THR A 376 21.18 13.45 3.74
CA THR A 376 22.12 13.05 2.69
C THR A 376 21.67 13.41 1.27
N GLY A 377 20.64 14.23 1.14
CA GLY A 377 20.21 14.80 -0.13
C GLY A 377 19.22 15.92 0.13
N SER A 378 18.83 16.63 -0.93
CA SER A 378 17.91 17.77 -0.82
C SER A 378 16.48 17.41 -1.22
N ASP A 379 16.28 16.18 -1.69
CA ASP A 379 14.96 15.74 -2.16
C ASP A 379 14.02 15.38 -0.99
N THR A 380 12.75 15.24 -1.31
CA THR A 380 11.72 14.96 -0.32
C THR A 380 11.99 13.69 0.49
N TYR A 381 12.58 12.67 -0.13
CA TYR A 381 12.81 11.40 0.56
C TYR A 381 13.97 11.51 1.56
N GLU A 382 15.14 11.98 1.10
CA GLU A 382 16.29 12.11 2.01
C GLU A 382 16.04 13.13 3.11
N LEU A 383 15.38 14.23 2.77
CA LEU A 383 14.98 15.19 3.78
C LEU A 383 13.96 14.57 4.73
N GLY A 384 13.00 13.82 4.15
CA GLY A 384 12.06 13.04 4.97
C GLY A 384 12.73 12.14 5.98
N LYS A 385 13.70 11.33 5.54
CA LYS A 385 14.42 10.43 6.47
C LYS A 385 15.05 11.22 7.63
N TYR A 386 15.60 12.38 7.31
CA TYR A 386 16.25 13.21 8.31
C TYR A 386 15.26 13.79 9.33
N ILE A 387 14.15 14.35 8.86
CA ILE A 387 13.16 14.88 9.77
C ILE A 387 12.46 13.78 10.59
N GLY A 388 12.32 12.59 10.02
CA GLY A 388 11.83 11.43 10.78
C GLY A 388 12.74 11.09 11.94
N LYS A 389 14.05 11.14 11.67
CA LYS A 389 15.07 10.88 12.68
C LYS A 389 14.98 11.92 13.81
N LEU A 390 14.90 13.20 13.48
CA LEU A 390 14.76 14.24 14.53
C LEU A 390 13.48 14.10 15.34
N ALA A 391 12.38 13.78 14.65
CA ALA A 391 11.10 13.61 15.34
C ALA A 391 11.13 12.41 16.30
N THR A 392 11.89 11.38 15.95
CA THR A 392 12.05 10.22 16.81
C THR A 392 12.91 10.51 18.05
N LEU A 393 13.93 11.34 17.86
CA LEU A 393 14.85 11.76 18.95
C LEU A 393 14.21 12.67 19.99
N ALA A 394 13.34 13.57 19.55
CA ALA A 394 12.75 14.57 20.47
C ALA A 394 12.02 13.99 21.70
N PRO A 395 11.12 13.00 21.52
CA PRO A 395 10.49 12.43 22.73
C PRO A 395 11.48 11.69 23.64
N ILE A 396 12.54 11.10 23.06
CA ILE A 396 13.56 10.38 23.86
C ILE A 396 14.39 11.40 24.67
N ALA A 397 14.72 12.53 24.05
CA ALA A 397 15.38 13.63 24.76
C ALA A 397 14.52 14.16 25.92
N ASP A 398 13.23 14.41 25.68
CA ASP A 398 12.28 14.76 26.76
C ASP A 398 12.34 13.76 27.92
N GLN A 399 12.23 12.47 27.60
CA GLN A 399 12.27 11.41 28.60
C GLN A 399 13.55 11.39 29.44
N MET A 400 14.70 11.65 28.82
CA MET A 400 15.97 11.67 29.54
C MET A 400 16.25 12.97 30.31
N GLY A 401 15.35 13.94 30.24
CA GLY A 401 15.55 15.24 30.87
C GLY A 401 16.39 16.23 30.08
N GLU A 402 16.74 15.90 28.83
CA GLU A 402 17.43 16.84 27.94
C GLU A 402 16.41 17.71 27.23
N TYR A 403 15.77 18.58 27.99
CA TYR A 403 14.60 19.33 27.52
C TYR A 403 14.92 20.39 26.47
N GLU A 404 16.02 21.12 26.66
CA GLU A 404 16.49 22.06 25.63
C GLU A 404 16.93 21.37 24.36
N LEU A 405 17.54 20.19 24.47
CA LEU A 405 17.90 19.41 23.29
C LEU A 405 16.62 18.99 22.54
N ALA A 406 15.61 18.50 23.27
CA ALA A 406 14.31 18.16 22.65
C ALA A 406 13.72 19.37 21.91
N GLU A 407 13.81 20.55 22.53
CA GLU A 407 13.34 21.79 21.92
C GLU A 407 14.18 22.18 20.72
N GLN A 408 15.49 21.94 20.79
CA GLN A 408 16.35 22.13 19.62
C GLN A 408 15.90 21.27 18.44
N PHE A 409 15.62 20.00 18.70
CA PHE A 409 15.17 19.08 17.65
C PHE A 409 13.83 19.57 17.06
N ARG A 410 12.88 19.93 17.92
CA ARG A 410 11.57 20.42 17.45
C ARG A 410 11.68 21.75 16.73
N GLY A 411 12.59 22.61 17.19
CA GLY A 411 12.88 23.87 16.49
C GLY A 411 13.41 23.66 15.07
N GLU A 412 14.29 22.68 14.92
N GLU A 412 14.31 22.68 14.90
CA GLU A 412 14.83 22.32 13.62
CA GLU A 412 14.84 22.36 13.57
C GLU A 412 13.74 21.77 12.68
C GLU A 412 13.75 21.76 12.67
N LEU A 413 12.83 20.98 13.25
CA LEU A 413 11.66 20.47 12.49
C LEU A 413 10.80 21.63 12.01
N LYS A 414 10.53 22.58 12.91
CA LYS A 414 9.77 23.77 12.52
C LYS A 414 10.45 24.55 11.42
N ASP A 415 11.76 24.78 11.54
CA ASP A 415 12.50 25.55 10.52
C ASP A 415 12.40 24.90 9.15
N ILE A 416 12.56 23.58 9.13
CA ILE A 416 12.49 22.81 7.86
C ILE A 416 11.09 22.83 7.26
N LEU A 417 10.08 22.52 8.07
CA LEU A 417 8.70 22.49 7.57
C LEU A 417 8.20 23.85 7.16
N GLU A 418 8.54 24.89 7.94
CA GLU A 418 8.08 26.24 7.59
C GLU A 418 8.74 26.72 6.29
N ASP A 419 9.91 26.19 5.96
CA ASP A 419 10.53 26.42 4.66
C ASP A 419 9.72 25.68 3.57
N TRP A 420 9.68 24.33 3.64
CA TRP A 420 9.00 23.52 2.62
C TRP A 420 7.51 23.85 2.36
N LEU A 421 6.80 24.25 3.40
CA LEU A 421 5.37 24.51 3.32
C LEU A 421 5.04 25.92 2.80
N GLN A 422 6.06 26.70 2.45
CA GLN A 422 5.88 27.96 1.71
C GLN A 422 6.45 27.84 0.32
N ALA A 423 5.63 28.11 -0.69
CA ALA A 423 6.11 28.02 -2.07
C ALA A 423 6.83 29.29 -2.55
N THR A 424 6.62 30.42 -1.86
CA THR A 424 7.22 31.68 -2.27
C THR A 424 8.36 32.11 -1.34
N ASN A 425 9.29 32.88 -1.90
CA ASN A 425 10.37 33.46 -1.11
C ASN A 425 9.94 34.85 -0.60
N ALA A 426 10.87 35.54 0.07
CA ALA A 426 10.59 36.85 0.68
C ALA A 426 10.07 37.88 -0.32
N SER A 427 10.48 37.80 -1.58
CA SER A 427 9.99 38.72 -2.62
C SER A 427 8.60 38.38 -3.16
N GLY A 428 8.09 37.18 -2.85
CA GLY A 428 6.80 36.73 -3.37
C GLY A 428 6.89 35.91 -4.64
N GLN A 429 8.09 35.66 -5.13
CA GLN A 429 8.30 34.84 -6.31
C GLN A 429 8.35 33.39 -5.88
N LEU A 430 8.05 32.48 -6.79
CA LEU A 430 8.22 31.06 -6.51
C LEU A 430 9.67 30.71 -6.24
N LYS A 431 9.86 29.86 -5.24
CA LYS A 431 11.17 29.29 -4.96
C LYS A 431 11.56 28.30 -6.05
N GLY A 432 12.84 27.95 -6.08
CA GLY A 432 13.37 26.95 -7.01
C GLY A 432 13.60 25.56 -6.40
N LYS A 433 13.47 25.45 -5.07
CA LYS A 433 13.58 24.17 -4.39
C LYS A 433 12.96 24.32 -2.99
N ASN A 434 12.77 23.20 -2.32
CA ASN A 434 12.10 23.13 -1.02
C ASN A 434 10.67 23.72 -1.10
N LEU A 435 9.88 23.21 -2.03
CA LEU A 435 8.49 23.66 -2.16
C LEU A 435 7.59 22.57 -2.72
N PHE A 436 6.29 22.80 -2.58
CA PHE A 436 5.26 21.94 -3.13
C PHE A 436 4.51 22.66 -4.24
N TYR A 437 4.14 21.89 -5.25
CA TYR A 437 3.50 22.35 -6.47
C TYR A 437 2.30 21.45 -6.80
N TYR A 438 1.20 22.09 -7.19
CA TYR A 438 0.00 21.36 -7.61
C TYR A 438 0.01 21.20 -9.12
N ASN A 439 0.21 19.97 -9.56
CA ASN A 439 0.06 19.61 -10.97
C ASN A 439 -1.44 19.49 -11.22
N GLU A 440 -1.97 20.36 -12.07
CA GLU A 440 -3.41 20.39 -12.32
C GLU A 440 -3.86 19.30 -13.28
N ASN A 441 -3.00 18.94 -14.22
CA ASN A 441 -3.34 17.98 -15.27
C ASN A 441 -3.83 16.67 -14.66
N TRP A 442 -3.03 16.12 -13.75
CA TRP A 442 -3.39 14.93 -12.97
C TRP A 442 -4.13 15.28 -11.68
N GLY A 443 -3.67 16.31 -10.96
CA GLY A 443 -4.31 16.67 -9.69
C GLY A 443 -3.52 16.03 -8.57
N THR A 444 -2.34 16.57 -8.32
CA THR A 444 -1.45 16.02 -7.31
C THR A 444 -0.46 17.07 -6.85
N ILE A 445 -0.11 17.01 -5.57
CA ILE A 445 0.96 17.81 -5.01
C ILE A 445 2.31 17.09 -5.20
N LEU A 446 3.24 17.78 -5.85
CA LEU A 446 4.59 17.31 -6.10
C LEU A 446 5.56 18.19 -5.33
N GLY A 447 6.57 17.55 -4.74
CA GLY A 447 7.60 18.26 -3.99
C GLY A 447 8.89 18.30 -4.74
N TYR A 448 9.55 19.47 -4.74
CA TYR A 448 10.86 19.62 -5.39
C TYR A 448 11.87 20.13 -4.36
N HIS A 449 13.08 19.56 -4.30
CA HIS A 449 13.55 18.51 -5.20
C HIS A 449 12.85 17.17 -5.02
N ALA A 450 12.65 16.48 -6.13
CA ALA A 450 12.02 15.15 -6.18
C ALA A 450 13.07 14.06 -6.35
N ALA A 451 12.68 12.83 -6.03
CA ALA A 451 13.55 11.68 -6.26
C ALA A 451 12.67 10.44 -6.29
N HIS A 452 13.25 9.33 -6.76
CA HIS A 452 12.51 8.06 -6.88
C HIS A 452 11.25 8.18 -7.75
N SER A 453 11.30 9.13 -8.68
CA SER A 453 10.21 9.48 -9.57
C SER A 453 8.93 9.92 -8.87
N SER A 454 9.07 10.54 -7.70
CA SER A 454 7.95 11.08 -6.96
C SER A 454 7.18 12.12 -7.78
N ALA A 455 7.88 12.87 -8.64
CA ALA A 455 7.23 13.87 -9.48
C ALA A 455 6.97 13.32 -10.87
N THR A 456 7.94 12.69 -11.50
CA THR A 456 7.78 12.28 -12.90
C THR A 456 6.86 11.09 -13.10
N ARG A 457 6.72 10.25 -12.08
CA ARG A 457 5.83 9.09 -12.14
C ARG A 457 4.75 9.13 -11.06
N ILE A 458 4.67 10.22 -10.29
CA ILE A 458 3.76 10.31 -9.15
C ILE A 458 3.96 9.12 -8.18
N ASN A 459 5.22 8.78 -7.92
CA ASN A 459 5.54 7.66 -7.03
C ASN A 459 5.62 8.06 -5.56
N ASP A 460 5.27 7.12 -4.68
CA ASP A 460 5.77 7.11 -3.31
C ASP A 460 5.32 8.28 -2.43
N HIS A 461 4.19 8.92 -2.73
CA HIS A 461 3.79 10.08 -1.94
C HIS A 461 3.52 9.71 -0.47
N HIS A 462 2.99 8.53 -0.21
CA HIS A 462 2.91 8.04 1.16
C HIS A 462 4.30 7.89 1.84
N PHE A 463 5.26 7.29 1.13
CA PHE A 463 6.58 7.03 1.68
C PHE A 463 7.24 8.36 2.03
N HIS A 464 7.24 9.31 1.10
CA HIS A 464 7.91 10.61 1.33
C HIS A 464 7.14 11.50 2.32
N TYR A 465 5.88 11.77 2.02
CA TYR A 465 5.11 12.72 2.80
C TYR A 465 4.79 12.18 4.18
N GLY A 466 4.80 10.86 4.36
CA GLY A 466 4.68 10.29 5.70
C GLY A 466 5.70 10.82 6.69
N TYR A 467 6.93 11.06 6.21
CA TYR A 467 7.97 11.64 7.06
C TYR A 467 7.67 13.11 7.42
N PHE A 468 7.08 13.86 6.50
CA PHE A 468 6.68 15.25 6.77
C PHE A 468 5.57 15.27 7.82
N VAL A 469 4.65 14.32 7.72
CA VAL A 469 3.55 14.21 8.69
C VAL A 469 4.10 13.78 10.07
N LYS A 470 5.09 12.89 10.10
CA LYS A 470 5.75 12.52 11.36
C LYS A 470 6.30 13.76 12.08
N ALA A 471 7.05 14.55 11.33
CA ALA A 471 7.64 15.80 11.86
C ALA A 471 6.56 16.73 12.43
N ALA A 472 5.51 16.93 11.67
CA ALA A 472 4.37 17.76 12.07
C ALA A 472 3.66 17.24 13.31
N ALA A 473 3.48 15.91 13.37
CA ALA A 473 2.83 15.28 14.51
C ALA A 473 3.66 15.46 15.79
N GLU A 474 4.98 15.35 15.69
CA GLU A 474 5.84 15.58 16.86
C GLU A 474 5.78 17.04 17.31
N ILE A 475 5.74 17.97 16.35
CA ILE A 475 5.55 19.40 16.69
C ILE A 475 4.21 19.59 17.40
N ALA A 476 3.15 19.03 16.83
CA ALA A 476 1.79 19.19 17.37
C ALA A 476 1.61 18.63 18.78
N ARG A 477 2.35 17.57 19.09
CA ARG A 477 2.33 16.95 20.41
C ARG A 477 2.81 17.93 21.50
N ALA A 478 3.74 18.82 21.13
CA ALA A 478 4.30 19.82 22.03
C ALA A 478 3.70 21.21 21.84
N ASP A 479 3.12 21.50 20.67
CA ASP A 479 2.69 22.85 20.29
C ASP A 479 1.45 22.81 19.39
N GLN A 480 0.29 22.82 20.03
CA GLN A 480 -0.99 22.77 19.31
C GLN A 480 -1.26 23.99 18.44
N GLU A 481 -0.73 25.16 18.85
CA GLU A 481 -0.91 26.40 18.11
C GLU A 481 -0.30 26.35 16.70
N TRP A 482 0.94 25.89 16.61
CA TRP A 482 1.63 25.72 15.33
C TRP A 482 0.79 24.90 14.35
N ALA A 483 0.14 23.86 14.88
CA ALA A 483 -0.58 22.86 14.07
C ALA A 483 -1.99 23.29 13.66
N LYS A 484 -2.48 24.44 14.14
CA LYS A 484 -3.78 24.94 13.71
C LYS A 484 -3.85 25.18 12.19
N SER A 485 -5.03 25.00 11.64
CA SER A 485 -5.28 25.13 10.19
C SER A 485 -4.78 26.46 9.62
N GLU A 486 -5.07 27.53 10.33
CA GLU A 486 -4.66 28.87 9.93
C GLU A 486 -3.15 29.13 10.07
N ASN A 487 -2.45 28.31 10.84
CA ASN A 487 -1.01 28.39 10.92
C ASN A 487 -0.36 27.41 9.94
N TRP A 488 0.27 26.34 10.40
CA TRP A 488 0.95 25.41 9.49
C TRP A 488 0.18 24.11 9.24
N GLY A 489 -0.91 23.89 9.97
CA GLY A 489 -1.72 22.69 9.83
C GLY A 489 -2.45 22.54 8.52
N GLY A 490 -2.85 23.65 7.89
CA GLY A 490 -3.51 23.59 6.59
C GLY A 490 -2.65 22.97 5.50
N MET A 491 -1.36 23.31 5.46
CA MET A 491 -0.45 22.74 4.47
C MET A 491 -0.15 21.26 4.76
N ILE A 492 -0.03 20.89 6.03
CA ILE A 492 0.10 19.47 6.39
C ILE A 492 -1.16 18.70 5.95
N ASP A 493 -2.34 19.24 6.23
N ASP A 493 -2.33 19.26 6.24
CA ASP A 493 -3.60 18.61 5.80
CA ASP A 493 -3.62 18.71 5.79
C ASP A 493 -3.67 18.48 4.26
C ASP A 493 -3.65 18.48 4.27
N LEU A 494 -3.10 19.45 3.53
CA LEU A 494 -3.02 19.37 2.07
C LEU A 494 -2.14 18.21 1.59
N LEU A 495 -0.98 18.02 2.21
CA LEU A 495 -0.11 16.89 1.88
C LEU A 495 -0.83 15.55 2.14
N ILE A 496 -1.55 15.48 3.25
CA ILE A 496 -2.28 14.26 3.62
C ILE A 496 -3.39 14.00 2.61
N ARG A 497 -4.13 15.03 2.22
CA ARG A 497 -5.14 14.90 1.17
C ARG A 497 -4.55 14.39 -0.15
N ASP A 498 -3.34 14.81 -0.49
CA ASP A 498 -2.73 14.31 -1.72
C ASP A 498 -2.66 12.78 -1.73
N PHE A 499 -2.21 12.18 -0.62
CA PHE A 499 -1.99 10.74 -0.62
C PHE A 499 -3.15 9.88 -0.06
N MET A 500 -4.11 10.49 0.62
CA MET A 500 -5.23 9.74 1.19
C MET A 500 -6.51 10.56 1.35
N ALA A 501 -6.90 11.22 0.26
CA ALA A 501 -8.09 12.06 0.28
C ALA A 501 -9.34 11.24 0.52
N ASP A 502 -10.32 11.89 1.14
CA ASP A 502 -11.66 11.35 1.24
C ASP A 502 -12.37 11.52 -0.12
N ARG A 503 -13.61 11.06 -0.23
CA ARG A 503 -14.37 11.17 -1.48
C ARG A 503 -14.72 12.63 -1.75
N ASP A 504 -14.94 12.95 -3.02
CA ASP A 504 -15.39 14.30 -3.44
C ASP A 504 -14.40 15.41 -3.01
N ASP A 505 -13.11 15.10 -3.04
CA ASP A 505 -12.08 16.10 -2.78
C ASP A 505 -11.91 16.85 -4.10
N ASP A 506 -11.99 18.18 -4.07
CA ASP A 506 -11.93 18.96 -5.33
C ASP A 506 -10.56 18.93 -5.99
N LEU A 507 -9.52 18.60 -5.23
CA LEU A 507 -8.15 18.63 -5.75
C LEU A 507 -7.53 17.27 -6.02
N PHE A 508 -7.98 16.23 -5.32
CA PHE A 508 -7.28 14.94 -5.35
C PHE A 508 -8.23 13.75 -5.54
N PRO A 509 -7.73 12.67 -6.15
CA PRO A 509 -8.56 11.45 -6.26
C PRO A 509 -8.72 10.75 -4.92
N TYR A 510 -9.68 9.86 -4.81
CA TYR A 510 -9.98 9.17 -3.55
C TYR A 510 -8.86 8.21 -3.15
N LEU A 511 -8.37 8.34 -1.91
CA LEU A 511 -7.38 7.43 -1.32
C LEU A 511 -6.29 7.04 -2.31
N ARG A 512 -5.57 8.04 -2.80
CA ARG A 512 -4.66 7.85 -3.91
C ARG A 512 -3.85 6.55 -3.82
N MET A 513 -3.15 6.38 -2.71
CA MET A 513 -2.17 5.30 -2.62
C MET A 513 -2.81 3.93 -2.49
N PHE A 514 -4.02 3.87 -1.92
CA PHE A 514 -4.55 2.63 -1.42
C PHE A 514 -5.46 1.94 -2.42
N ASP A 515 -5.36 0.62 -2.47
CA ASP A 515 -6.24 -0.24 -3.22
C ASP A 515 -7.11 -0.95 -2.19
N PRO A 516 -8.38 -0.52 -2.04
CA PRO A 516 -9.18 -1.08 -0.94
C PRO A 516 -9.49 -2.58 -1.06
N TYR A 517 -9.43 -3.13 -2.27
CA TYR A 517 -9.76 -4.54 -2.50
C TYR A 517 -8.51 -5.42 -2.39
N SER A 518 -7.44 -5.04 -3.08
CA SER A 518 -6.15 -5.74 -2.91
C SER A 518 -5.61 -5.62 -1.49
N GLY A 519 -6.02 -4.58 -0.78
CA GLY A 519 -5.71 -4.41 0.65
C GLY A 519 -4.41 -3.72 0.97
N ASN A 520 -3.69 -3.26 -0.06
CA ASN A 520 -2.40 -2.61 0.10
C ASN A 520 -2.31 -1.36 -0.73
N SER A 521 -1.27 -0.58 -0.44
N SER A 521 -1.31 -0.54 -0.45
CA SER A 521 -0.89 0.58 -1.22
CA SER A 521 -1.04 0.63 -1.25
C SER A 521 -0.10 0.14 -2.43
C SER A 521 -0.07 0.24 -2.37
N TRP A 522 -0.16 0.94 -3.50
CA TRP A 522 0.69 0.72 -4.67
C TRP A 522 1.58 1.94 -4.84
N ALA A 523 2.88 1.72 -4.97
CA ALA A 523 3.84 2.83 -4.93
C ALA A 523 4.01 3.59 -6.24
N ASP A 524 3.77 2.96 -7.39
CA ASP A 524 4.05 3.60 -8.66
C ASP A 524 2.80 4.34 -9.13
N GLY A 525 2.95 5.61 -9.48
CA GLY A 525 1.81 6.39 -9.90
C GLY A 525 1.23 5.95 -11.24
N LEU A 526 2.09 5.47 -12.13
CA LEU A 526 1.73 5.20 -13.53
C LEU A 526 1.42 3.73 -13.83
N ALA A 527 2.10 2.81 -13.16
CA ALA A 527 1.87 1.37 -13.27
C ALA A 527 2.21 0.79 -14.66
N THR A 528 3.09 1.45 -15.40
CA THR A 528 3.46 1.06 -16.78
C THR A 528 4.53 -0.02 -16.79
N PHE A 529 4.21 -1.13 -16.12
CA PHE A 529 5.03 -2.30 -16.08
C PHE A 529 4.16 -3.49 -16.44
N ASP A 530 4.77 -4.52 -17.03
CA ASP A 530 4.05 -5.76 -17.36
C ASP A 530 3.75 -6.67 -16.16
N ALA A 531 4.22 -6.31 -14.96
CA ALA A 531 3.83 -7.01 -13.74
C ALA A 531 2.75 -6.27 -12.97
N GLY A 532 2.16 -5.25 -13.59
CA GLY A 532 1.22 -4.38 -12.91
C GLY A 532 1.91 -3.34 -12.03
N ASN A 533 1.26 -2.99 -10.92
CA ASN A 533 1.83 -2.06 -9.98
C ASN A 533 2.66 -2.82 -8.93
N ASN A 534 3.41 -2.08 -8.12
CA ASN A 534 4.28 -2.68 -7.09
C ASN A 534 4.29 -1.92 -5.78
N GLN A 535 4.65 -2.60 -4.71
CA GLN A 535 5.03 -1.95 -3.45
C GLN A 535 6.21 -2.69 -2.82
N GLN A 536 7.26 -1.93 -2.48
CA GLN A 536 8.45 -2.45 -1.83
C GLN A 536 8.34 -2.24 -0.33
N SER A 537 8.50 -1.02 0.18
CA SER A 537 8.46 -0.82 1.64
C SER A 537 7.04 -0.71 2.19
N SER A 538 6.46 -1.84 2.56
CA SER A 538 5.16 -1.80 3.23
C SER A 538 5.24 -1.10 4.58
N SER A 539 6.42 -1.12 5.21
CA SER A 539 6.63 -0.44 6.48
C SER A 539 6.63 1.08 6.33
N GLU A 540 7.18 1.60 5.23
CA GLU A 540 7.03 3.05 4.98
C GLU A 540 5.57 3.47 4.70
N ALA A 541 4.76 2.59 4.14
CA ALA A 541 3.32 2.84 4.02
C ALA A 541 2.66 2.88 5.41
N MET A 542 2.95 1.88 6.24
CA MET A 542 2.38 1.82 7.59
C MET A 542 2.83 3.01 8.45
N HIS A 543 4.05 3.47 8.23
CA HIS A 543 4.58 4.69 8.85
C HIS A 543 3.71 5.91 8.49
N ALA A 544 3.39 6.08 7.20
CA ALA A 544 2.50 7.16 6.79
C ALA A 544 1.14 7.08 7.50
N TRP A 545 0.54 5.90 7.54
CA TRP A 545 -0.77 5.78 8.18
C TRP A 545 -0.70 6.09 9.67
N THR A 546 0.32 5.56 10.33
CA THR A 546 0.56 5.86 11.74
C THR A 546 0.63 7.36 12.01
N ASN A 547 1.40 8.05 11.19
CA ASN A 547 1.65 9.47 11.43
C ASN A 547 0.40 10.32 11.22
N VAL A 548 -0.46 9.90 10.31
CA VAL A 548 -1.74 10.58 10.15
C VAL A 548 -2.65 10.32 11.35
N ILE A 549 -2.64 9.11 11.90
CA ILE A 549 -3.41 8.82 13.12
C ILE A 549 -2.94 9.79 14.23
N LEU A 550 -1.62 9.89 14.41
CA LEU A 550 -1.03 10.74 15.45
C LEU A 550 -1.32 12.25 15.25
N TRP A 551 -1.13 12.71 14.03
CA TRP A 551 -1.44 14.08 13.63
C TRP A 551 -2.92 14.43 13.86
N ALA A 552 -3.79 13.54 13.40
CA ALA A 552 -5.22 13.75 13.50
C ALA A 552 -5.67 13.73 14.96
N GLU A 553 -5.11 12.83 15.77
CA GLU A 553 -5.41 12.81 17.20
C GLU A 553 -4.94 14.11 17.89
N ALA A 554 -3.74 14.56 17.57
CA ALA A 554 -3.18 15.78 18.16
C ALA A 554 -3.99 17.03 17.83
N THR A 555 -4.56 17.06 16.62
CA THR A 555 -5.25 18.24 16.10
C THR A 555 -6.76 18.14 16.18
N GLY A 556 -7.28 17.08 16.80
CA GLY A 556 -8.72 16.96 17.03
C GLY A 556 -9.57 16.62 15.81
N ASN A 557 -8.99 15.88 14.87
CA ASN A 557 -9.64 15.62 13.59
C ASN A 557 -10.05 14.16 13.53
N LYS A 558 -11.23 13.86 14.04
CA LYS A 558 -11.71 12.49 14.18
C LYS A 558 -11.88 11.77 12.84
N ALA A 559 -12.47 12.45 11.86
CA ALA A 559 -12.75 11.83 10.56
C ALA A 559 -11.44 11.39 9.89
N LEU A 560 -10.43 12.26 9.93
CA LEU A 560 -9.14 11.95 9.35
C LEU A 560 -8.44 10.83 10.08
N ARG A 561 -8.45 10.91 11.40
CA ARG A 561 -7.90 9.86 12.23
C ARG A 561 -8.47 8.49 11.87
N ASP A 562 -9.78 8.39 11.83
CA ASP A 562 -10.44 7.12 11.59
C ASP A 562 -10.13 6.55 10.19
N ARG A 563 -10.00 7.42 9.20
CA ARG A 563 -9.58 7.00 7.87
C ARG A 563 -8.18 6.39 7.87
N ALA A 564 -7.27 7.00 8.62
CA ALA A 564 -5.92 6.47 8.75
C ALA A 564 -5.91 5.15 9.56
N ILE A 565 -6.78 5.03 10.56
CA ILE A 565 -6.95 3.77 11.29
C ILE A 565 -7.43 2.65 10.35
N TYR A 566 -8.40 2.96 9.49
CA TYR A 566 -8.88 2.00 8.48
C TYR A 566 -7.73 1.55 7.54
N LEU A 567 -6.92 2.51 7.11
CA LEU A 567 -5.79 2.20 6.23
C LEU A 567 -4.72 1.37 6.94
N TYR A 568 -4.31 1.82 8.12
CA TYR A 568 -3.31 1.10 8.91
C TYR A 568 -3.73 -0.37 9.10
N THR A 569 -4.98 -0.56 9.52
CA THR A 569 -5.48 -1.86 9.88
C THR A 569 -5.65 -2.79 8.66
N THR A 570 -6.14 -2.25 7.56
CA THR A 570 -6.28 -3.03 6.33
C THR A 570 -4.92 -3.38 5.72
N GLU A 571 -4.06 -2.38 5.61
CA GLU A 571 -2.71 -2.62 5.08
C GLU A 571 -1.99 -3.73 5.88
N MET A 572 -2.11 -3.67 7.21
CA MET A 572 -1.56 -4.69 8.08
C MET A 572 -1.99 -6.10 7.69
N SER A 573 -3.30 -6.26 7.43
CA SER A 573 -3.83 -7.55 7.00
C SER A 573 -3.17 -8.03 5.70
N ALA A 574 -2.95 -7.14 4.73
CA ALA A 574 -2.26 -7.54 3.48
C ALA A 574 -0.78 -7.83 3.68
N ILE A 575 -0.11 -7.04 4.52
CA ILE A 575 1.31 -7.26 4.80
C ILE A 575 1.54 -8.67 5.37
N ASN A 576 0.72 -9.04 6.35
CA ASN A 576 0.90 -10.34 7.00
C ASN A 576 0.68 -11.53 6.05
N GLU A 577 -0.16 -11.34 5.03
CA GLU A 577 -0.36 -12.37 3.99
C GLU A 577 0.75 -12.36 2.93
N TYR A 578 0.94 -11.23 2.26
CA TYR A 578 1.65 -11.21 0.97
C TYR A 578 3.12 -10.83 1.07
N PHE A 579 3.50 -10.10 2.12
CA PHE A 579 4.92 -9.81 2.36
C PHE A 579 5.54 -10.84 3.31
N PHE A 580 4.81 -11.20 4.37
CA PHE A 580 5.34 -12.09 5.41
C PHE A 580 4.87 -13.55 5.27
N ASP A 581 3.69 -13.76 4.68
CA ASP A 581 3.05 -15.08 4.66
C ASP A 581 3.13 -15.72 6.04
N VAL A 582 2.59 -15.02 7.04
CA VAL A 582 2.68 -15.51 8.40
C VAL A 582 2.02 -16.89 8.57
N HIS A 583 0.98 -17.16 7.78
CA HIS A 583 0.25 -18.46 7.89
C HIS A 583 0.88 -19.61 7.10
N GLN A 584 1.98 -19.34 6.38
CA GLN A 584 2.72 -20.34 5.60
C GLN A 584 1.84 -21.11 4.63
N GLU A 585 1.03 -20.36 3.88
CA GLU A 585 0.09 -20.91 2.92
C GLU A 585 0.25 -20.35 1.51
N ILE A 586 0.98 -19.25 1.33
CA ILE A 586 0.94 -18.51 0.08
C ILE A 586 2.21 -18.71 -0.74
N PHE A 587 3.39 -18.53 -0.12
CA PHE A 587 4.63 -18.66 -0.86
C PHE A 587 4.82 -20.14 -1.23
N PRO A 588 5.34 -20.42 -2.44
CA PRO A 588 5.60 -21.83 -2.78
C PRO A 588 6.60 -22.44 -1.80
N GLU A 589 6.45 -23.73 -1.50
N GLU A 589 6.43 -23.73 -1.54
CA GLU A 589 7.38 -24.40 -0.57
CA GLU A 589 7.31 -24.48 -0.66
C GLU A 589 8.84 -24.24 -1.01
C GLU A 589 8.80 -24.32 -1.02
N GLU A 590 9.08 -24.27 -2.31
CA GLU A 590 10.46 -24.16 -2.83
C GLU A 590 11.08 -22.74 -2.80
N TYR A 591 10.29 -21.73 -2.47
CA TYR A 591 10.81 -20.36 -2.29
C TYR A 591 11.60 -20.31 -0.98
N GLY A 592 12.89 -20.00 -1.06
CA GLY A 592 13.77 -20.05 0.11
C GLY A 592 13.54 -18.97 1.16
N PRO A 593 13.42 -17.69 0.74
CA PRO A 593 13.31 -16.65 1.78
C PRO A 593 12.04 -16.68 2.58
N GLU A 594 12.06 -15.97 3.69
CA GLU A 594 10.92 -15.87 4.58
C GLU A 594 10.26 -14.50 4.49
N ILE A 595 10.49 -13.81 3.38
CA ILE A 595 9.79 -12.56 3.09
C ILE A 595 9.78 -12.37 1.58
N VAL A 596 8.75 -11.67 1.10
CA VAL A 596 8.74 -11.11 -0.23
C VAL A 596 9.00 -9.63 -0.05
N THR A 597 10.00 -9.14 -0.77
CA THR A 597 10.45 -7.74 -0.65
C THR A 597 9.59 -6.79 -1.46
N ILE A 598 9.28 -7.18 -2.69
CA ILE A 598 8.49 -6.36 -3.60
C ILE A 598 7.32 -7.21 -4.07
N ASN A 599 6.10 -6.75 -3.75
CA ASN A 599 4.89 -7.35 -4.30
C ASN A 599 4.43 -6.59 -5.52
N TRP A 600 4.16 -7.33 -6.59
CA TRP A 600 3.55 -6.81 -7.80
C TRP A 600 2.18 -7.41 -7.98
N GLY A 601 1.40 -6.83 -8.86
CA GLY A 601 0.18 -7.47 -9.29
C GLY A 601 0.40 -8.89 -9.78
N GLY A 602 1.50 -9.11 -10.51
CA GLY A 602 1.73 -10.35 -11.23
C GLY A 602 2.85 -11.26 -10.75
N LYS A 603 3.60 -10.83 -9.76
CA LYS A 603 4.79 -11.55 -9.32
C LYS A 603 5.24 -11.07 -7.96
N MET A 604 6.17 -11.84 -7.37
CA MET A 604 6.73 -11.54 -6.07
C MET A 604 8.26 -11.68 -6.16
N ASP A 605 8.97 -10.68 -5.66
CA ASP A 605 10.45 -10.69 -5.71
C ASP A 605 11.09 -10.52 -4.36
N HIS A 606 12.18 -11.28 -4.17
CA HIS A 606 13.12 -11.02 -3.09
C HIS A 606 14.26 -10.28 -3.75
N ALA A 607 14.12 -8.96 -3.77
CA ALA A 607 15.02 -8.06 -4.50
C ALA A 607 14.66 -6.62 -4.12
N THR A 608 15.55 -5.68 -4.43
CA THR A 608 15.32 -4.27 -4.12
C THR A 608 15.46 -3.43 -5.38
N TRP A 609 14.85 -2.23 -5.33
CA TRP A 609 14.93 -1.28 -6.44
C TRP A 609 16.34 -0.67 -6.61
N TRP A 610 17.20 -0.81 -5.60
CA TRP A 610 18.60 -0.37 -5.67
C TRP A 610 19.50 -1.59 -5.39
N ASN A 611 20.81 -1.43 -5.59
CA ASN A 611 21.71 -2.56 -5.38
C ASN A 611 21.99 -2.70 -3.90
N SER A 612 21.55 -3.81 -3.33
CA SER A 612 21.63 -4.04 -1.91
C SER A 612 22.21 -5.42 -1.59
N GLY A 613 22.44 -5.66 -0.31
CA GLY A 613 22.86 -6.95 0.20
C GLY A 613 21.71 -7.71 0.84
N LYS A 614 22.07 -8.64 1.71
CA LYS A 614 21.12 -9.61 2.24
C LYS A 614 20.13 -8.98 3.24
N VAL A 615 20.63 -8.20 4.20
CA VAL A 615 19.76 -7.64 5.25
C VAL A 615 18.66 -6.76 4.65
N GLU A 616 19.03 -5.95 3.66
CA GLU A 616 18.13 -4.92 3.14
C GLU A 616 16.88 -5.52 2.48
N LYS A 617 17.04 -6.70 1.87
CA LYS A 617 15.94 -7.39 1.22
C LYS A 617 14.89 -7.89 2.23
N TYR A 618 15.26 -7.94 3.52
CA TYR A 618 14.31 -8.07 4.63
C TYR A 618 13.90 -6.73 5.21
N ALA A 619 14.90 -5.94 5.64
CA ALA A 619 14.64 -4.77 6.49
C ALA A 619 13.97 -3.57 5.81
N ILE A 620 13.97 -3.51 4.48
CA ILE A 620 13.20 -2.48 3.77
C ILE A 620 11.68 -2.59 4.09
N ASN A 621 11.24 -3.76 4.54
CA ASN A 621 9.87 -3.96 5.07
C ASN A 621 9.72 -3.89 6.59
N TRP A 622 10.78 -3.47 7.28
CA TRP A 622 10.71 -3.16 8.70
C TRP A 622 10.85 -1.67 8.98
N LEU A 623 11.70 -0.96 8.23
CA LEU A 623 12.05 0.43 8.55
C LEU A 623 10.98 1.43 8.10
N PRO A 624 10.94 2.63 8.70
CA PRO A 624 11.69 2.98 9.90
C PRO A 624 11.02 2.41 11.13
N PHE A 625 11.74 2.31 12.24
CA PHE A 625 11.15 1.93 13.54
C PHE A 625 10.55 3.16 14.22
N HIS A 626 9.33 3.03 14.73
CA HIS A 626 8.60 4.16 15.31
C HIS A 626 7.47 3.61 16.19
N GLY A 627 6.67 4.51 16.77
CA GLY A 627 5.60 4.11 17.67
C GLY A 627 4.43 3.31 17.09
N GLY A 628 4.35 3.25 15.76
CA GLY A 628 3.38 2.40 15.05
C GLY A 628 3.95 1.08 14.55
N SER A 629 5.20 0.77 14.89
CA SER A 629 5.91 -0.42 14.36
C SER A 629 5.54 -1.73 15.06
N LEU A 630 4.74 -1.67 16.13
CA LEU A 630 4.47 -2.86 16.94
C LEU A 630 3.69 -3.94 16.19
N TYR A 631 3.03 -3.57 15.10
CA TYR A 631 2.40 -4.58 14.22
C TYR A 631 3.39 -5.65 13.73
N LEU A 632 4.67 -5.27 13.61
CA LEU A 632 5.69 -6.21 13.17
C LEU A 632 5.92 -7.40 14.15
N GLY A 633 5.50 -7.23 15.41
CA GLY A 633 5.65 -8.27 16.43
C GLY A 633 4.43 -9.09 16.78
N HIS A 634 3.35 -8.96 16.01
CA HIS A 634 2.11 -9.72 16.30
C HIS A 634 2.24 -11.23 16.10
N HIS A 635 3.20 -11.66 15.29
CA HIS A 635 3.39 -13.05 14.95
C HIS A 635 4.82 -13.48 15.33
N PRO A 636 5.04 -13.76 16.64
CA PRO A 636 6.39 -14.07 17.10
C PRO A 636 7.04 -15.27 16.40
N ASP A 637 6.27 -16.28 16.02
CA ASP A 637 6.86 -17.40 15.27
C ASP A 637 7.36 -16.96 13.88
N TYR A 638 6.64 -16.04 13.24
CA TYR A 638 7.11 -15.49 11.97
C TYR A 638 8.43 -14.71 12.19
N VAL A 639 8.41 -13.85 13.19
CA VAL A 639 9.57 -13.00 13.49
C VAL A 639 10.80 -13.90 13.71
N ASP A 640 10.63 -14.97 14.48
CA ASP A 640 11.72 -15.95 14.68
C ASP A 640 12.16 -16.61 13.39
N ARG A 641 11.20 -17.07 12.60
CA ARG A 641 11.47 -17.79 11.34
C ARG A 641 12.22 -16.90 10.33
N ALA A 642 11.78 -15.65 10.21
CA ALA A 642 12.39 -14.71 9.26
C ALA A 642 13.81 -14.35 9.71
N TYR A 643 13.96 -14.01 10.98
CA TYR A 643 15.27 -13.71 11.55
C TYR A 643 16.24 -14.88 11.37
N GLU A 644 15.79 -16.09 11.68
CA GLU A 644 16.66 -17.28 11.60
C GLU A 644 17.09 -17.58 10.16
N GLU A 645 16.20 -17.31 9.19
CA GLU A 645 16.53 -17.50 7.78
C GLU A 645 17.58 -16.48 7.31
N LEU A 646 17.42 -15.22 7.72
CA LEU A 646 18.38 -14.19 7.37
C LEU A 646 19.75 -14.50 8.01
N ARG A 647 19.73 -14.90 9.29
CA ARG A 647 20.93 -15.31 10.01
C ARG A 647 21.61 -16.48 9.31
N ARG A 648 20.83 -17.48 8.90
CA ARG A 648 21.38 -18.64 8.16
C ARG A 648 22.11 -18.19 6.90
N ASP A 649 21.48 -17.30 6.13
CA ASP A 649 22.07 -16.82 4.86
C ASP A 649 23.31 -15.97 5.06
N ILE A 650 23.28 -15.09 6.05
CA ILE A 650 24.44 -14.29 6.43
C ILE A 650 25.56 -15.22 6.91
N GLY A 651 25.18 -16.23 7.69
CA GLY A 651 26.08 -17.26 8.24
C GLY A 651 26.56 -16.94 9.64
N SER A 652 26.01 -15.90 10.26
CA SER A 652 26.44 -15.38 11.57
C SER A 652 25.56 -14.17 11.90
N THR A 653 25.91 -13.40 12.93
CA THR A 653 25.26 -12.10 13.18
C THR A 653 26.12 -10.92 12.73
N ASP A 654 27.06 -11.15 11.81
CA ASP A 654 27.84 -10.07 11.19
C ASP A 654 27.00 -9.52 10.02
N TRP A 655 26.02 -8.70 10.36
CA TRP A 655 25.06 -8.19 9.37
C TRP A 655 25.80 -7.35 8.34
N ASN A 656 25.46 -7.54 7.06
CA ASN A 656 26.19 -6.88 5.97
C ASN A 656 25.99 -5.35 5.97
N LEU A 657 24.79 -4.92 6.37
CA LEU A 657 24.43 -3.51 6.47
C LEU A 657 23.27 -3.38 7.45
N TRP A 658 23.03 -2.16 7.96
CA TRP A 658 21.88 -1.85 8.79
C TRP A 658 21.75 -2.76 10.00
N SER A 659 22.88 -3.05 10.66
CA SER A 659 22.88 -3.97 11.80
C SER A 659 21.83 -3.61 12.84
N ASN A 660 21.71 -2.31 13.13
CA ASN A 660 20.79 -1.83 14.15
C ASN A 660 19.32 -2.21 13.91
N LEU A 661 18.92 -2.25 12.64
CA LEU A 661 17.56 -2.64 12.29
C LEU A 661 17.31 -4.12 12.57
N VAL A 662 18.32 -4.95 12.33
CA VAL A 662 18.21 -6.38 12.64
C VAL A 662 18.12 -6.57 14.16
N TRP A 663 18.95 -5.86 14.92
CA TRP A 663 18.84 -5.95 16.40
C TRP A 663 17.46 -5.54 16.92
N MET A 664 16.93 -4.45 16.38
CA MET A 664 15.63 -3.95 16.82
C MET A 664 14.51 -4.95 16.47
N TYR A 665 14.62 -5.56 15.29
CA TYR A 665 13.66 -6.58 14.87
C TYR A 665 13.74 -7.81 15.77
N ARG A 666 14.96 -8.29 16.00
CA ARG A 666 15.22 -9.43 16.89
C ARG A 666 14.64 -9.23 18.29
N ALA A 667 14.63 -7.98 18.76
CA ALA A 667 14.08 -7.65 20.08
C ALA A 667 12.59 -7.95 20.26
N PHE A 668 11.83 -8.08 19.16
CA PHE A 668 10.45 -8.49 19.26
C PHE A 668 10.26 -9.88 19.89
N THR A 669 11.24 -10.77 19.75
CA THR A 669 11.14 -12.11 20.34
C THR A 669 12.28 -12.52 21.24
N ASN A 670 13.44 -11.88 21.13
CA ASN A 670 14.61 -12.27 21.94
C ASN A 670 15.45 -11.03 22.21
N PRO A 671 14.99 -10.18 23.13
CA PRO A 671 15.76 -8.97 23.44
C PRO A 671 17.13 -9.21 24.07
N ASP A 672 17.30 -10.33 24.79
CA ASP A 672 18.62 -10.72 25.30
C ASP A 672 19.64 -10.89 24.20
N ASP A 673 19.24 -11.56 23.12
CA ASP A 673 20.10 -11.74 21.96
C ASP A 673 20.37 -10.40 21.28
N ALA A 674 19.33 -9.59 21.10
CA ALA A 674 19.47 -8.26 20.49
C ALA A 674 20.42 -7.38 21.30
N LEU A 675 20.27 -7.41 22.63
CA LEU A 675 21.17 -6.67 23.54
C LEU A 675 22.62 -7.12 23.41
N GLN A 676 22.86 -8.43 23.39
CA GLN A 676 24.21 -8.98 23.24
C GLN A 676 24.84 -8.48 21.93
N GLN A 677 24.11 -8.55 20.83
CA GLN A 677 24.63 -8.10 19.54
C GLN A 677 24.91 -6.59 19.53
N MET A 678 24.00 -5.83 20.13
CA MET A 678 24.11 -4.38 20.21
C MET A 678 25.35 -3.97 21.02
N GLU A 679 25.48 -4.53 22.22
CA GLU A 679 26.65 -4.23 23.08
C GLU A 679 27.96 -4.50 22.35
N ALA A 680 28.00 -5.58 21.58
CA ALA A 680 29.20 -5.98 20.87
C ALA A 680 29.63 -5.01 19.77
N SER A 681 28.68 -4.33 19.11
CA SER A 681 29.01 -3.59 17.88
C SER A 681 28.52 -2.13 17.77
N ILE A 682 27.65 -1.67 18.67
CA ILE A 682 27.00 -0.36 18.49
C ILE A 682 28.00 0.81 18.51
N ASP A 683 29.06 0.68 19.30
CA ASP A 683 30.10 1.72 19.36
C ASP A 683 31.30 1.45 18.42
N ASP A 684 31.16 0.56 17.43
CA ASP A 684 32.27 0.28 16.49
C ASP A 684 32.75 1.50 15.73
N TYR A 685 31.79 2.36 15.35
CA TYR A 685 32.10 3.62 14.70
C TYR A 685 31.45 4.76 15.49
N GLY A 686 31.91 5.98 15.23
CA GLY A 686 31.55 7.15 16.04
C GLY A 686 30.35 7.92 15.52
N LEU A 687 30.59 9.17 15.11
CA LEU A 687 29.52 10.08 14.71
C LEU A 687 29.00 9.78 13.31
N PHE A 688 27.88 10.40 12.97
CA PHE A 688 27.22 10.21 11.67
C PHE A 688 28.19 10.20 10.50
N ASP A 689 28.17 9.13 9.73
CA ASP A 689 28.99 9.00 8.54
C ASP A 689 28.12 8.44 7.40
N PRO A 690 27.72 9.29 6.45
CA PRO A 690 26.92 8.83 5.29
C PRO A 690 27.56 7.71 4.49
N GLY A 691 28.89 7.62 4.48
CA GLY A 691 29.57 6.55 3.76
C GLY A 691 29.50 5.16 4.40
N ASN A 692 28.98 5.04 5.62
CA ASN A 692 29.04 3.78 6.36
C ASN A 692 27.74 3.50 7.15
N GLU A 693 26.89 2.64 6.58
CA GLU A 693 25.64 2.22 7.22
C GLU A 693 25.71 0.77 7.73
N LYS A 694 26.92 0.27 7.91
CA LYS A 694 27.15 -1.09 8.42
C LYS A 694 26.43 -1.34 9.72
N ILE A 695 26.60 -0.41 10.65
CA ILE A 695 26.05 -0.53 12.01
C ILE A 695 24.74 0.20 12.18
N ILE A 696 24.68 1.46 11.76
CA ILE A 696 23.49 2.30 11.90
C ILE A 696 22.98 2.69 10.52
N GLU A 697 21.77 2.26 10.19
CA GLU A 697 21.10 2.67 8.94
C GLU A 697 20.87 4.20 8.99
N ARG A 698 20.96 4.89 7.85
CA ARG A 698 21.07 6.37 7.88
C ARG A 698 19.82 7.12 8.33
N GLY A 699 18.66 6.49 8.28
CA GLY A 699 17.45 7.02 8.89
C GLY A 699 17.24 6.74 10.37
N SER A 700 18.18 5.99 10.97
N SER A 700 18.16 5.99 10.99
CA SER A 700 18.14 5.55 12.36
CA SER A 700 18.08 5.61 12.40
C SER A 700 19.27 6.22 13.16
C SER A 700 19.26 6.22 13.15
N THR A 701 19.25 6.05 14.47
CA THR A 701 20.34 6.56 15.33
C THR A 701 20.71 5.54 16.37
N LYS A 702 21.89 5.69 16.95
CA LYS A 702 22.27 4.91 18.13
C LYS A 702 21.27 5.11 19.25
N ALA A 703 20.80 6.34 19.45
CA ALA A 703 19.85 6.64 20.53
C ALA A 703 18.54 5.89 20.39
N GLN A 704 17.97 5.94 19.19
CA GLN A 704 16.77 5.19 18.90
C GLN A 704 16.94 3.69 19.17
N THR A 705 18.04 3.12 18.66
CA THR A 705 18.35 1.70 18.78
C THR A 705 18.44 1.27 20.24
N TYR A 706 19.20 2.04 21.01
CA TYR A 706 19.47 1.72 22.41
C TYR A 706 18.19 1.81 23.26
N HIS A 707 17.41 2.86 23.01
CA HIS A 707 16.12 3.08 23.65
C HIS A 707 15.10 1.98 23.30
N TRP A 708 15.03 1.63 22.02
CA TRP A 708 14.14 0.57 21.57
C TRP A 708 14.42 -0.77 22.24
N ILE A 709 15.66 -1.24 22.13
CA ILE A 709 15.99 -2.60 22.55
C ILE A 709 15.82 -2.76 24.07
N HIS A 710 16.27 -1.77 24.83
CA HIS A 710 16.09 -1.81 26.30
C HIS A 710 14.63 -1.71 26.73
N ASN A 711 13.81 -0.94 26.02
CA ASN A 711 12.38 -0.93 26.29
C ASN A 711 11.74 -2.31 26.08
N LEU A 712 12.01 -2.92 24.93
N LEU A 712 12.01 -2.94 24.94
CA LEU A 712 11.51 -4.26 24.61
CA LEU A 712 11.44 -4.27 24.67
C LEU A 712 11.98 -5.29 25.65
C LEU A 712 12.00 -5.35 25.62
N ALA A 713 13.23 -5.19 26.08
CA ALA A 713 13.79 -6.09 27.12
C ALA A 713 12.94 -6.06 28.40
N GLU A 714 12.53 -4.87 28.81
CA GLU A 714 11.67 -4.71 30.00
C GLU A 714 10.22 -5.04 29.76
N LEU A 715 9.72 -4.71 28.58
CA LEU A 715 8.29 -4.85 28.27
C LEU A 715 7.85 -6.26 27.90
N GLY A 716 8.73 -7.01 27.23
CA GLY A 716 8.40 -8.35 26.74
C GLY A 716 7.84 -8.30 25.32
N ARG A 717 6.85 -9.15 25.05
CA ARG A 717 6.29 -9.31 23.71
C ARG A 717 5.11 -8.37 23.51
N VAL A 718 4.90 -7.95 22.27
CA VAL A 718 3.69 -7.23 21.90
C VAL A 718 2.51 -8.16 22.17
N ASP A 719 1.42 -7.62 22.74
CA ASP A 719 0.23 -8.44 23.03
C ASP A 719 -0.99 -7.94 22.25
N PRO A 720 -1.22 -8.48 21.04
CA PRO A 720 -2.35 -8.05 20.23
C PRO A 720 -3.70 -8.61 20.65
N THR A 721 -3.73 -9.48 21.67
CA THR A 721 -4.99 -10.03 22.17
C THR A 721 -5.79 -9.06 23.03
N VAL A 722 -5.21 -7.93 23.42
CA VAL A 722 -5.90 -6.91 24.21
C VAL A 722 -6.07 -5.63 23.40
N THR A 723 -7.31 -5.15 23.35
CA THR A 723 -7.64 -3.89 22.71
C THR A 723 -8.03 -2.86 23.77
N ALA A 724 -8.22 -1.62 23.34
CA ALA A 724 -8.63 -0.53 24.22
C ALA A 724 -9.68 0.33 23.53
N ASN A 725 -10.42 1.10 24.34
CA ASN A 725 -11.50 1.98 23.82
C ASN A 725 -11.06 3.41 23.46
N HIS A 726 -9.75 3.60 23.38
CA HIS A 726 -9.14 4.80 22.83
C HIS A 726 -8.04 4.34 21.87
N PRO A 727 -7.62 5.20 20.93
CA PRO A 727 -6.77 4.67 19.84
C PRO A 727 -5.24 4.71 20.05
N ILE A 728 -4.76 5.42 21.07
CA ILE A 728 -3.33 5.65 21.23
C ILE A 728 -2.84 4.86 22.44
N TYR A 729 -2.43 3.62 22.19
CA TYR A 729 -2.05 2.70 23.26
C TYR A 729 -1.23 1.56 22.71
N ALA A 730 -0.66 0.79 23.62
CA ALA A 730 -0.12 -0.53 23.31
C ALA A 730 -0.18 -1.40 24.56
N VAL A 731 -0.18 -2.71 24.35
CA VAL A 731 -0.15 -3.67 25.45
C VAL A 731 0.97 -4.66 25.19
N PHE A 732 1.82 -4.85 26.19
CA PHE A 732 2.88 -5.84 26.15
C PHE A 732 2.65 -6.90 27.22
N ASN A 733 3.32 -8.03 27.05
CA ASN A 733 3.17 -9.20 27.93
C ASN A 733 4.54 -9.85 28.09
N LYS A 734 5.04 -9.87 29.33
CA LYS A 734 6.32 -10.52 29.64
C LYS A 734 6.02 -11.64 30.62
N ASN A 735 6.00 -12.87 30.11
CA ASN A 735 5.75 -14.06 30.92
C ASN A 735 4.46 -13.95 31.73
N GLY A 736 3.38 -13.45 31.12
CA GLY A 736 2.09 -13.30 31.79
C GLY A 736 1.84 -11.97 32.49
N ASN A 737 2.88 -11.15 32.67
CA ASN A 737 2.73 -9.83 33.28
C ASN A 737 2.56 -8.80 32.19
N ARG A 738 1.37 -8.20 32.14
CA ARG A 738 1.04 -7.18 31.15
C ARG A 738 1.45 -5.78 31.59
N THR A 739 1.93 -5.01 30.62
CA THR A 739 2.16 -3.59 30.78
C THR A 739 1.23 -2.90 29.79
N TYR A 740 0.50 -1.89 30.28
CA TYR A 740 -0.46 -1.12 29.50
C TYR A 740 0.12 0.26 29.29
N ILE A 741 0.21 0.72 28.04
CA ILE A 741 0.76 2.03 27.73
C ILE A 741 -0.30 2.83 26.98
N VAL A 742 -0.53 4.07 27.41
CA VAL A 742 -1.44 4.99 26.74
C VAL A 742 -0.79 6.34 26.66
N TYR A 743 -0.94 7.02 25.53
CA TYR A 743 -0.59 8.43 25.44
C TYR A 743 -1.86 9.24 25.20
N ASN A 744 -1.98 10.32 25.97
CA ASN A 744 -3.15 11.16 25.96
C ASN A 744 -2.81 12.51 25.33
N PHE A 745 -3.35 12.75 24.13
CA PHE A 745 -3.16 14.03 23.43
C PHE A 745 -4.09 15.16 23.90
N SER A 746 -5.03 14.83 24.79
CA SER A 746 -6.05 15.78 25.21
C SER A 746 -5.55 16.76 26.28
N ASP A 747 -6.18 17.94 26.32
CA ASP A 747 -6.03 18.89 27.42
C ASP A 747 -6.67 18.39 28.74
N SER A 748 -7.57 17.41 28.64
CA SER A 748 -8.25 16.81 29.80
C SER A 748 -7.73 15.42 30.11
N PRO A 749 -7.82 15.01 31.40
CA PRO A 749 -7.49 13.62 31.72
C PRO A 749 -8.51 12.64 31.12
N ILE A 750 -8.08 11.42 30.87
CA ILE A 750 -8.97 10.38 30.35
C ILE A 750 -8.88 9.09 31.16
N THR A 751 -9.90 8.28 31.00
CA THR A 751 -9.90 6.92 31.47
C THR A 751 -9.97 5.98 30.26
N VAL A 752 -9.07 5.02 30.21
CA VAL A 752 -9.02 4.02 29.12
C VAL A 752 -9.35 2.65 29.70
N GLN A 753 -10.32 1.96 29.07
CA GLN A 753 -10.71 0.60 29.41
C GLN A 753 -10.10 -0.36 28.40
N PHE A 754 -9.45 -1.41 28.89
CA PHE A 754 -8.88 -2.46 28.04
C PHE A 754 -9.80 -3.68 28.01
N SER A 755 -9.69 -4.47 26.94
CA SER A 755 -10.63 -5.60 26.72
C SER A 755 -10.51 -6.75 27.73
N ASP A 756 -9.40 -6.80 28.46
CA ASP A 756 -9.22 -7.79 29.55
C ASP A 756 -9.76 -7.29 30.90
N GLY A 757 -10.46 -6.16 30.93
CA GLY A 757 -11.01 -5.59 32.17
C GLY A 757 -10.15 -4.53 32.85
N HIS A 758 -8.87 -4.44 32.48
CA HIS A 758 -7.98 -3.44 33.08
C HIS A 758 -8.40 -2.02 32.67
N SER A 759 -8.16 -1.07 33.56
CA SER A 759 -8.42 0.34 33.24
C SER A 759 -7.34 1.23 33.83
N ILE A 760 -7.08 2.35 33.17
CA ILE A 760 -6.10 3.32 33.67
C ILE A 760 -6.57 4.74 33.48
N GLN A 761 -6.02 5.62 34.31
CA GLN A 761 -6.26 7.03 34.22
C GLN A 761 -5.00 7.66 33.63
N VAL A 762 -5.17 8.64 32.74
CA VAL A 762 -4.05 9.30 32.11
C VAL A 762 -4.23 10.80 32.16
N GLU A 763 -3.21 11.50 32.63
CA GLU A 763 -3.22 12.96 32.71
C GLU A 763 -3.03 13.60 31.32
N PRO A 764 -3.38 14.88 31.18
CA PRO A 764 -3.23 15.56 29.87
C PRO A 764 -1.81 15.52 29.34
N HIS A 765 -1.68 15.38 28.03
CA HIS A 765 -0.40 15.50 27.34
C HIS A 765 0.71 14.67 27.95
N SER A 766 0.41 13.40 28.21
CA SER A 766 1.37 12.50 28.83
C SER A 766 1.06 11.03 28.57
N PHE A 767 2.07 10.19 28.79
CA PHE A 767 1.89 8.75 28.95
C PHE A 767 1.35 8.45 30.34
N ASN A 768 0.67 7.34 30.51
CA ASN A 768 0.25 6.89 31.85
C ASN A 768 1.44 6.49 32.74
N ILE A 769 2.48 5.93 32.09
CA ILE A 769 3.72 5.47 32.74
C ILE A 769 4.92 5.78 31.81
N GLY A 770 6.09 6.01 32.39
CA GLY A 770 7.29 6.28 31.61
C GLY A 770 7.28 7.57 30.80
N ASN A 771 6.82 8.66 31.41
CA ASN A 771 7.03 10.01 30.86
C ASN A 771 8.48 10.45 30.94
N GLY A 772 9.22 9.94 31.93
CA GLY A 772 10.64 10.24 32.09
C GLY A 772 10.90 11.69 32.46
#